data_9GP7
#
_entry.id   9GP7
#
_cell.length_a   1.00
_cell.length_b   1.00
_cell.length_c   1.00
_cell.angle_alpha   90.00
_cell.angle_beta   90.00
_cell.angle_gamma   90.00
#
_symmetry.space_group_name_H-M   'P 1'
#
loop_
_entity.id
_entity.type
_entity.pdbx_description
1 polymer 'P2X purinoceptor 4'
2 branched 2-acetamido-2-deoxy-beta-D-glucopyranose-(1-4)-2-acetamido-2-deoxy-beta-D-glucopyranose
3 non-polymer '1-azanyl-4-[(3-carboxy-4-phenylazanyl-phenyl)amino]-9,10-bis(oxidanylidene)anthracene-2-carboxylic acid'
4 non-polymer 2-acetamido-2-deoxy-beta-D-glucopyranose
#
_entity_poly.entity_id   1
_entity_poly.type   'polypeptide(L)'
_entity_poly.pdbx_seq_one_letter_code
;MAGCCAALAAFLFEYDTPRIVLIRSRKVGLMNRAVQLLILAYVIGWVFVWEKGYQETDSVVSSVTTKVKGVAVTRTSKLG
FRIWDVADYVIPAQEENSLFVMTNVILTMNQTQGLCPEIPDATTVCKSDASCTAGSAGTHSNGVSTGRCVAFNGSVKTCE
VAAWCPVEDDTHVPQPAFLKAAERFTLLVKNNIWYPKFNFSKRNILPNITTTYLKSCIYDAKTDPFCPIFRLGKIVENAG
HSFQDMAVEGGIMGIQVNWDCNLDRAASLCLPRYSFRRLDTRDVEHNVSPGYNFRFAKYYRDLAGNTQRTLIKAYGIRFD
IIVFGKAGKFDIIPTMINIGSGLALLGMATVLCDIIVLYCMKKRLYYREKKYKYVEDYEQGLASELDQGSSGEFLEVLFQ
GPHHHHHHHHHH
;
_entity_poly.pdbx_strand_id   A,B,C
#
loop_
_chem_comp.id
_chem_comp.type
_chem_comp.name
_chem_comp.formula
A1INJ non-polymer '1-azanyl-4-[(3-carboxy-4-phenylazanyl-phenyl)amino]-9,10-bis(oxidanylidene)anthracene-2-carboxylic acid' 'C28 H19 N3 O6'
NAG D-saccharide, beta linking 2-acetamido-2-deoxy-beta-D-glucopyranose 'C8 H15 N O6'
#
# COMPACT_ATOMS: atom_id res chain seq x y z
N TYR A 42 1.30 46.74 -24.56
CA TYR A 42 1.87 45.44 -24.16
C TYR A 42 1.41 44.94 -22.79
N VAL A 43 1.49 45.75 -21.73
CA VAL A 43 1.48 45.25 -20.34
C VAL A 43 0.27 44.40 -20.01
N ILE A 44 -0.91 44.90 -20.33
CA ILE A 44 -2.16 44.38 -19.80
C ILE A 44 -2.48 43.00 -20.37
N GLY A 45 -2.41 42.89 -21.69
CA GLY A 45 -2.57 41.62 -22.37
C GLY A 45 -1.45 40.65 -22.01
N TRP A 46 -0.20 41.10 -22.08
CA TRP A 46 0.93 40.20 -21.87
C TRP A 46 0.93 39.59 -20.49
N VAL A 47 0.66 40.37 -19.44
CA VAL A 47 0.73 39.82 -18.09
C VAL A 47 -0.31 38.72 -17.93
N PHE A 48 -1.55 38.90 -18.39
CA PHE A 48 -2.51 37.81 -18.31
C PHE A 48 -2.13 36.62 -19.20
N VAL A 49 -1.61 36.88 -20.39
CA VAL A 49 -1.21 35.86 -21.37
C VAL A 49 -0.03 35.01 -20.91
N TRP A 50 0.97 35.61 -20.28
CA TRP A 50 2.07 34.85 -19.71
C TRP A 50 1.63 34.06 -18.47
N GLU A 51 0.94 34.74 -17.54
CA GLU A 51 0.55 34.17 -16.26
C GLU A 51 -0.44 33.02 -16.36
N LYS A 52 -1.29 33.02 -17.39
CA LYS A 52 -2.32 31.99 -17.56
C LYS A 52 -3.33 32.01 -16.43
N GLY A 53 -4.01 33.16 -16.30
CA GLY A 53 -5.34 33.24 -15.69
C GLY A 53 -6.42 32.63 -16.59
N TYR A 54 -6.24 32.70 -17.91
CA TYR A 54 -6.85 31.76 -18.86
C TYR A 54 -6.19 30.40 -18.73
N GLN A 55 -6.78 29.40 -19.36
CA GLN A 55 -6.58 28.00 -19.04
C GLN A 55 -7.15 27.62 -17.68
N GLU A 56 -8.03 26.63 -17.67
CA GLU A 56 -8.64 26.07 -16.46
C GLU A 56 -7.90 24.78 -16.13
N THR A 57 -7.60 24.58 -14.84
CA THR A 57 -6.58 23.64 -14.37
C THR A 57 -6.97 22.90 -13.11
N ASP A 58 -6.51 21.66 -13.02
CA ASP A 58 -6.82 20.69 -11.99
C ASP A 58 -5.68 19.67 -11.86
N SER A 59 -5.54 19.06 -10.70
CA SER A 59 -4.41 18.25 -10.26
C SER A 59 -4.76 16.78 -10.48
N VAL A 60 -3.76 15.92 -10.67
CA VAL A 60 -3.96 14.72 -11.47
C VAL A 60 -4.24 13.47 -10.65
N VAL A 61 -5.10 12.64 -11.22
CA VAL A 61 -5.51 11.37 -10.68
C VAL A 61 -4.70 10.34 -11.43
N SER A 62 -4.09 9.41 -10.71
CA SER A 62 -3.01 8.59 -11.23
C SER A 62 -3.09 7.16 -10.72
N SER A 63 -2.63 6.22 -11.53
CA SER A 63 -2.41 4.84 -11.10
C SER A 63 -1.09 4.35 -11.68
N VAL A 64 -0.48 3.36 -11.02
CA VAL A 64 0.87 2.88 -11.26
C VAL A 64 0.92 1.36 -11.11
N THR A 65 1.83 0.74 -11.86
CA THR A 65 2.26 -0.63 -11.61
C THR A 65 3.76 -0.75 -11.88
N THR A 66 4.43 -1.63 -11.15
CA THR A 66 5.89 -1.75 -11.20
C THR A 66 6.34 -3.19 -11.18
N LYS A 67 7.36 -3.49 -11.96
CA LYS A 67 8.08 -4.77 -11.95
C LYS A 67 9.57 -4.51 -11.88
N VAL A 68 10.33 -5.39 -11.24
CA VAL A 68 11.78 -5.41 -11.34
C VAL A 68 12.18 -6.64 -12.13
N LYS A 69 13.22 -6.53 -12.94
CA LYS A 69 13.79 -7.60 -13.76
C LYS A 69 15.30 -7.60 -13.58
N GLY A 70 15.91 -8.77 -13.56
CA GLY A 70 17.35 -8.96 -13.36
C GLY A 70 17.62 -10.19 -12.51
N VAL A 71 18.84 -10.70 -12.59
CA VAL A 71 19.24 -11.88 -11.81
C VAL A 71 20.59 -11.70 -11.16
N ALA A 72 20.81 -12.40 -10.06
CA ALA A 72 22.05 -12.37 -9.31
C ALA A 72 22.40 -13.77 -8.80
N VAL A 73 23.68 -14.05 -8.62
CA VAL A 73 24.19 -15.42 -8.49
C VAL A 73 25.55 -15.40 -7.81
N THR A 74 26.02 -16.57 -7.39
CA THR A 74 27.42 -16.86 -7.06
C THR A 74 27.67 -18.35 -7.39
N ARG A 75 28.91 -18.76 -7.63
CA ARG A 75 29.25 -20.07 -8.21
C ARG A 75 28.57 -20.28 -9.59
N THR A 76 28.71 -21.47 -10.16
CA THR A 76 28.33 -21.79 -11.56
C THR A 76 27.98 -23.29 -11.72
N SER A 77 28.14 -23.89 -12.91
CA SER A 77 27.98 -25.33 -13.14
C SER A 77 28.90 -26.18 -12.24
N LYS A 78 28.48 -27.43 -11.99
CA LYS A 78 29.06 -28.37 -11.01
C LYS A 78 29.07 -27.89 -9.54
N LEU A 79 28.37 -26.79 -9.23
CA LEU A 79 28.34 -26.14 -7.91
C LEU A 79 26.93 -25.62 -7.57
N GLY A 80 26.69 -25.29 -6.30
CA GLY A 80 25.39 -24.81 -5.79
C GLY A 80 25.49 -23.63 -4.82
N PHE A 81 24.67 -22.61 -5.07
CA PHE A 81 24.49 -21.37 -4.29
C PHE A 81 23.16 -20.73 -4.75
N ARG A 82 22.28 -20.26 -3.87
CA ARG A 82 20.94 -19.80 -4.30
C ARG A 82 21.01 -18.65 -5.29
N ILE A 83 20.54 -18.90 -6.51
CA ILE A 83 20.39 -17.90 -7.56
C ILE A 83 19.15 -17.05 -7.29
N TRP A 84 19.27 -15.74 -7.49
CA TRP A 84 18.30 -14.73 -7.09
C TRP A 84 17.61 -14.12 -8.32
N ASP A 85 16.29 -14.07 -8.23
CA ASP A 85 15.41 -13.54 -9.27
C ASP A 85 14.27 -12.72 -8.66
N VAL A 86 13.45 -12.16 -9.54
CA VAL A 86 12.30 -11.31 -9.20
C VAL A 86 11.34 -11.97 -8.22
N ALA A 87 11.26 -13.30 -8.14
CA ALA A 87 10.37 -13.95 -7.19
C ALA A 87 10.95 -13.95 -5.77
N ASP A 88 12.25 -13.80 -5.61
CA ASP A 88 12.89 -13.67 -4.31
C ASP A 88 13.05 -12.22 -3.86
N TYR A 89 13.82 -11.39 -4.56
CA TYR A 89 14.35 -10.17 -3.94
C TYR A 89 13.39 -9.00 -3.83
N VAL A 90 12.16 -9.09 -4.35
CA VAL A 90 11.22 -7.95 -4.39
C VAL A 90 10.22 -7.89 -3.24
N ILE A 91 10.19 -8.90 -2.37
CA ILE A 91 9.13 -9.09 -1.36
C ILE A 91 8.95 -7.82 -0.51
N PRO A 92 7.72 -7.29 -0.32
CA PRO A 92 6.42 -7.83 -0.75
C PRO A 92 6.13 -7.62 -2.23
N ALA A 93 5.42 -8.57 -2.85
CA ALA A 93 5.31 -8.71 -4.31
C ALA A 93 4.79 -7.46 -5.04
N GLN A 94 3.88 -6.70 -4.43
CA GLN A 94 3.42 -5.38 -4.89
C GLN A 94 3.11 -4.49 -3.67
N GLU A 95 3.18 -3.17 -3.85
CA GLU A 95 2.62 -2.16 -2.95
C GLU A 95 2.03 -0.99 -3.75
N GLU A 96 1.10 -0.25 -3.16
CA GLU A 96 0.54 0.96 -3.77
C GLU A 96 1.66 1.95 -4.10
N ASN A 97 1.75 2.36 -5.37
CA ASN A 97 2.72 3.33 -5.89
C ASN A 97 4.19 3.07 -5.50
N SER A 98 4.59 1.85 -5.12
CA SER A 98 5.93 1.63 -4.54
C SER A 98 6.40 0.20 -4.60
N LEU A 99 7.71 -0.03 -4.45
CA LEU A 99 8.30 -1.36 -4.43
C LEU A 99 9.58 -1.37 -3.61
N PHE A 100 10.01 -2.54 -3.15
CA PHE A 100 11.20 -2.71 -2.33
C PHE A 100 12.23 -3.61 -3.00
N VAL A 101 13.52 -3.34 -2.81
CA VAL A 101 14.59 -4.23 -3.23
C VAL A 101 15.51 -4.51 -2.07
N MET A 102 15.63 -5.78 -1.73
CA MET A 102 16.35 -6.29 -0.57
C MET A 102 17.87 -6.28 -0.81
N THR A 103 18.54 -5.17 -0.54
CA THR A 103 19.98 -5.07 -0.85
C THR A 103 20.89 -5.79 0.14
N ASN A 104 20.57 -5.81 1.44
CA ASN A 104 21.45 -6.40 2.47
C ASN A 104 20.64 -7.05 3.60
N VAL A 105 21.09 -8.19 4.13
CA VAL A 105 20.29 -8.98 5.08
C VAL A 105 21.09 -9.41 6.31
N ILE A 106 20.52 -9.18 7.50
CA ILE A 106 21.04 -9.69 8.76
C ILE A 106 20.12 -10.80 9.25
N LEU A 107 20.71 -11.92 9.66
CA LEU A 107 19.99 -13.16 9.93
C LEU A 107 19.97 -13.47 11.43
N THR A 108 18.78 -13.62 11.98
CA THR A 108 18.57 -14.07 13.35
C THR A 108 17.94 -15.46 13.35
N MET A 109 18.62 -16.41 13.98
CA MET A 109 18.49 -17.83 13.67
C MET A 109 18.05 -18.68 14.85
N ASN A 110 17.30 -19.74 14.55
CA ASN A 110 17.07 -20.88 15.45
C ASN A 110 16.60 -20.43 16.85
N GLN A 111 15.59 -19.55 16.90
CA GLN A 111 15.13 -18.97 18.16
C GLN A 111 14.21 -19.91 18.93
N THR A 112 14.16 -19.70 20.24
CA THR A 112 13.06 -20.06 21.16
C THR A 112 12.82 -18.90 22.14
N GLN A 113 11.69 -18.84 22.82
CA GLN A 113 11.49 -17.90 23.92
C GLN A 113 12.21 -18.39 25.20
N GLY A 114 12.95 -17.51 25.90
CA GLY A 114 13.77 -17.89 27.06
C GLY A 114 14.56 -16.75 27.71
N LEU A 115 15.70 -17.09 28.31
CA LEU A 115 16.55 -16.20 29.11
C LEU A 115 17.91 -15.94 28.44
N CYS A 116 18.26 -14.68 28.18
CA CYS A 116 19.54 -14.32 27.58
C CYS A 116 19.93 -12.84 27.82
N PRO A 117 21.21 -12.46 27.66
CA PRO A 117 21.69 -11.09 27.80
C PRO A 117 21.19 -10.16 26.69
N GLU A 118 21.05 -8.88 27.03
CA GLU A 118 20.96 -7.80 26.04
C GLU A 118 22.31 -7.54 25.35
N ILE A 119 22.26 -6.97 24.15
CA ILE A 119 23.39 -6.49 23.36
C ILE A 119 24.15 -5.38 24.10
N PRO A 120 25.49 -5.32 24.02
CA PRO A 120 26.27 -4.26 24.65
C PRO A 120 26.03 -2.89 23.98
N ASP A 121 25.06 -2.15 24.49
CA ASP A 121 24.82 -0.74 24.19
C ASP A 121 24.67 0.06 25.50
N ALA A 122 25.23 1.28 25.54
CA ALA A 122 25.50 2.03 26.75
C ALA A 122 24.28 2.20 27.67
N THR A 123 23.09 2.38 27.11
CA THR A 123 21.86 2.60 27.88
C THR A 123 21.41 1.38 28.69
N THR A 124 22.00 0.19 28.50
CA THR A 124 21.93 -0.85 29.55
C THR A 124 23.15 -1.79 29.60
N VAL A 125 24.35 -1.31 29.24
CA VAL A 125 25.58 -1.91 29.79
C VAL A 125 25.62 -1.66 31.29
N CYS A 126 25.96 -2.68 32.09
CA CYS A 126 25.87 -2.65 33.55
C CYS A 126 27.17 -3.15 34.22
N LYS A 127 27.61 -2.44 35.25
CA LYS A 127 28.66 -2.91 36.20
C LYS A 127 28.10 -3.98 37.15
N SER A 128 26.85 -3.77 37.54
CA SER A 128 25.98 -4.57 38.38
C SER A 128 24.56 -4.04 38.17
N ASP A 129 23.53 -4.75 38.61
CA ASP A 129 22.16 -4.26 38.53
C ASP A 129 21.94 -2.98 39.38
N ALA A 130 21.20 -2.01 38.82
CA ALA A 130 20.84 -0.73 39.47
C ALA A 130 19.56 -0.12 38.87
N SER A 131 19.63 0.52 37.70
CA SER A 131 18.48 1.14 37.03
C SER A 131 17.62 0.14 36.22
N CYS A 132 18.14 -1.05 35.88
CA CYS A 132 17.47 -2.08 35.07
C CYS A 132 16.40 -2.86 35.86
N THR A 133 15.34 -2.14 36.26
CA THR A 133 14.30 -2.60 37.21
C THR A 133 13.66 -3.91 36.79
N ALA A 134 13.66 -4.91 37.67
CA ALA A 134 13.01 -6.20 37.45
C ALA A 134 11.51 -6.05 37.09
N GLY A 135 11.03 -6.82 36.12
CA GLY A 135 9.65 -6.72 35.63
C GLY A 135 9.38 -5.49 34.74
N SER A 136 10.41 -4.73 34.34
CA SER A 136 10.29 -3.56 33.45
C SER A 136 11.10 -3.73 32.16
N ALA A 137 10.66 -3.04 31.11
CA ALA A 137 11.19 -3.09 29.75
C ALA A 137 11.10 -1.70 29.10
N GLY A 138 12.24 -1.06 28.83
CA GLY A 138 12.30 0.24 28.15
C GLY A 138 11.92 0.14 26.67
N THR A 139 11.41 1.22 26.10
CA THR A 139 10.90 1.26 24.72
C THR A 139 11.94 0.95 23.64
N HIS A 140 13.25 0.94 23.93
CA HIS A 140 14.26 0.48 23.00
C HIS A 140 14.31 -1.05 22.86
N SER A 141 13.82 -1.76 23.87
CA SER A 141 14.18 -3.17 24.12
C SER A 141 13.29 -4.17 23.38
N ASN A 142 13.62 -5.46 23.52
CA ASN A 142 12.88 -6.58 22.96
C ASN A 142 12.60 -7.68 24.01
N GLY A 143 12.58 -7.35 25.30
CA GLY A 143 12.34 -8.29 26.38
C GLY A 143 12.34 -7.62 27.76
N VAL A 144 11.98 -8.37 28.80
CA VAL A 144 11.68 -7.82 30.15
C VAL A 144 12.77 -8.16 31.15
N SER A 145 13.19 -7.20 31.98
CA SER A 145 14.26 -7.41 32.98
C SER A 145 13.90 -8.44 34.05
N THR A 146 14.87 -9.23 34.47
CA THR A 146 14.81 -10.09 35.67
C THR A 146 15.36 -9.39 36.93
N GLY A 147 15.99 -8.23 36.77
CA GLY A 147 16.79 -7.57 37.80
C GLY A 147 18.24 -8.05 37.88
N ARG A 148 18.68 -9.00 37.04
CA ARG A 148 20.07 -9.53 37.05
C ARG A 148 20.93 -8.91 35.94
N CYS A 149 22.08 -8.34 36.31
CA CYS A 149 23.17 -7.96 35.41
C CYS A 149 24.02 -9.21 35.06
N VAL A 150 23.53 -10.04 34.14
CA VAL A 150 24.18 -11.30 33.76
C VAL A 150 25.53 -11.07 33.08
N ALA A 151 26.47 -11.99 33.30
CA ALA A 151 27.74 -11.98 32.60
C ALA A 151 27.54 -12.14 31.08
N PHE A 152 28.36 -11.45 30.29
CA PHE A 152 28.43 -11.62 28.84
C PHE A 152 29.87 -11.33 28.36
N ASN A 153 30.31 -11.92 27.25
CA ASN A 153 31.72 -11.88 26.84
C ASN A 153 32.19 -10.49 26.37
N GLY A 154 33.50 -10.22 26.45
CA GLY A 154 34.10 -8.92 26.15
C GLY A 154 33.89 -7.94 27.31
N SER A 155 33.14 -6.87 27.08
CA SER A 155 32.48 -6.13 28.15
C SER A 155 31.67 -7.11 29.00
N VAL A 156 32.12 -7.31 30.24
CA VAL A 156 31.94 -8.55 31.01
C VAL A 156 30.49 -8.88 31.44
N LYS A 157 29.53 -7.94 31.37
CA LYS A 157 28.12 -8.14 31.78
C LYS A 157 27.15 -7.27 30.96
N THR A 158 25.90 -7.67 30.87
CA THR A 158 24.75 -6.85 30.39
C THR A 158 23.48 -7.22 31.16
N CYS A 159 22.45 -6.37 31.15
CA CYS A 159 21.20 -6.73 31.84
C CYS A 159 20.50 -7.90 31.13
N GLU A 160 19.91 -8.81 31.89
CA GLU A 160 19.16 -9.94 31.34
C GLU A 160 17.81 -9.50 30.79
N VAL A 161 17.32 -10.18 29.76
CA VAL A 161 15.90 -10.12 29.38
C VAL A 161 15.29 -11.50 29.24
N ALA A 162 14.04 -11.62 29.67
CA ALA A 162 13.15 -12.64 29.16
C ALA A 162 12.68 -12.19 27.77
N ALA A 163 12.87 -13.02 26.75
CA ALA A 163 12.79 -12.58 25.35
C ALA A 163 12.74 -13.76 24.38
N TRP A 164 12.59 -13.48 23.08
CA TRP A 164 13.13 -14.39 22.08
C TRP A 164 14.65 -14.41 22.20
N CYS A 165 15.27 -15.59 22.22
CA CYS A 165 16.71 -15.74 22.42
C CYS A 165 17.35 -16.66 21.36
N PRO A 166 18.61 -16.42 20.98
CA PRO A 166 19.41 -15.23 21.26
C PRO A 166 18.77 -13.97 20.70
N VAL A 167 19.18 -12.82 21.24
CA VAL A 167 18.71 -11.52 20.78
C VAL A 167 19.24 -11.19 19.39
N GLU A 168 18.53 -10.30 18.70
CA GLU A 168 18.98 -9.68 17.45
C GLU A 168 20.25 -8.84 17.67
N ASP A 169 21.30 -9.10 16.91
CA ASP A 169 22.52 -8.28 16.87
C ASP A 169 22.59 -7.52 15.55
N ASP A 170 22.65 -6.20 15.59
CA ASP A 170 22.88 -5.33 14.44
C ASP A 170 24.05 -4.37 14.64
N THR A 171 25.02 -4.74 15.46
CA THR A 171 26.20 -3.90 15.75
C THR A 171 27.14 -3.76 14.55
N HIS A 172 27.02 -4.61 13.53
CA HIS A 172 27.85 -4.57 12.32
C HIS A 172 27.10 -4.96 11.05
N VAL A 173 26.43 -4.00 10.44
CA VAL A 173 25.72 -4.16 9.17
C VAL A 173 26.70 -4.65 8.09
N PRO A 174 26.57 -5.87 7.55
CA PRO A 174 27.59 -6.48 6.72
C PRO A 174 27.99 -5.66 5.48
N GLN A 175 29.27 -5.68 5.15
CA GLN A 175 29.87 -5.01 3.98
C GLN A 175 30.84 -5.95 3.25
N PRO A 176 30.84 -5.97 1.91
CA PRO A 176 29.92 -5.27 1.04
C PRO A 176 28.49 -5.82 1.18
N ALA A 177 27.50 -5.04 0.75
CA ALA A 177 26.08 -5.40 0.85
C ALA A 177 25.79 -6.71 0.10
N PHE A 178 25.00 -7.61 0.70
CA PHE A 178 24.91 -8.98 0.19
C PHE A 178 24.46 -9.07 -1.27
N LEU A 179 23.38 -8.38 -1.63
CA LEU A 179 22.87 -8.38 -3.00
C LEU A 179 23.54 -7.29 -3.83
N LYS A 180 24.88 -7.24 -3.83
CA LYS A 180 25.69 -6.23 -4.54
C LYS A 180 25.31 -6.08 -6.01
N ALA A 181 24.93 -7.19 -6.64
CA ALA A 181 24.53 -7.24 -8.03
C ALA A 181 23.26 -6.44 -8.37
N ALA A 182 22.47 -6.01 -7.38
CA ALA A 182 21.20 -5.32 -7.61
C ALA A 182 21.34 -3.97 -8.34
N GLU A 183 22.52 -3.36 -8.34
CA GLU A 183 22.80 -2.10 -9.05
C GLU A 183 22.38 -2.15 -10.52
N ARG A 184 22.53 -3.33 -11.15
CA ARG A 184 22.26 -3.61 -12.57
C ARG A 184 20.81 -3.97 -12.89
N PHE A 185 19.98 -4.25 -11.90
CA PHE A 185 18.57 -4.60 -12.10
C PHE A 185 17.80 -3.45 -12.74
N THR A 186 16.69 -3.76 -13.40
CA THR A 186 15.85 -2.75 -14.04
C THR A 186 14.43 -2.77 -13.53
N LEU A 187 13.90 -1.60 -13.21
CA LEU A 187 12.53 -1.32 -12.76
C LEU A 187 11.73 -0.75 -13.92
N LEU A 188 10.60 -1.37 -14.22
CA LEU A 188 9.64 -0.89 -15.20
C LEU A 188 8.56 -0.12 -14.46
N VAL A 189 8.39 1.15 -14.80
CA VAL A 189 7.36 2.02 -14.22
C VAL A 189 6.32 2.29 -15.27
N LYS A 190 5.12 1.74 -15.08
CA LYS A 190 3.98 1.99 -15.96
C LYS A 190 2.97 2.82 -15.18
N ASN A 191 2.61 3.97 -15.73
CA ASN A 191 1.78 4.98 -15.09
C ASN A 191 0.70 5.46 -16.05
N ASN A 192 -0.54 5.54 -15.58
CA ASN A 192 -1.67 6.11 -16.31
C ASN A 192 -2.22 7.32 -15.57
N ILE A 193 -2.39 8.43 -16.28
CA ILE A 193 -2.95 9.67 -15.72
C ILE A 193 -4.31 9.97 -16.30
N TRP A 194 -5.17 10.53 -15.46
CA TRP A 194 -6.56 10.88 -15.71
C TRP A 194 -6.81 12.31 -15.23
N TYR A 195 -7.54 13.12 -15.99
CA TYR A 195 -7.94 14.45 -15.52
C TYR A 195 -9.46 14.51 -15.42
N PRO A 196 -10.03 14.65 -14.22
CA PRO A 196 -11.47 14.57 -14.07
C PRO A 196 -12.20 15.77 -14.68
N LYS A 197 -11.51 16.89 -14.92
CA LYS A 197 -12.08 18.05 -15.63
C LYS A 197 -12.22 17.83 -17.13
N PHE A 198 -11.82 16.68 -17.67
CA PHE A 198 -11.92 16.34 -19.08
C PHE A 198 -12.29 14.88 -19.27
N ASN A 199 -12.55 14.44 -20.50
CA ASN A 199 -12.58 13.01 -20.81
C ASN A 199 -11.15 12.45 -21.00
N PHE A 200 -10.12 13.22 -20.67
CA PHE A 200 -8.72 12.93 -21.02
C PHE A 200 -8.07 11.88 -20.13
N SER A 201 -7.23 11.03 -20.73
CA SER A 201 -6.26 10.20 -20.02
C SER A 201 -5.06 9.90 -20.91
N LYS A 202 -3.92 9.54 -20.33
CA LYS A 202 -2.74 9.12 -21.11
C LYS A 202 -1.87 8.14 -20.33
N ARG A 203 -1.13 7.31 -21.06
CA ARG A 203 -0.26 6.24 -20.58
C ARG A 203 1.21 6.60 -20.77
N ASN A 204 2.06 6.47 -19.76
CA ASN A 204 3.44 6.98 -19.84
C ASN A 204 4.29 6.25 -20.89
N ILE A 205 3.91 5.04 -21.28
CA ILE A 205 4.43 4.41 -22.49
C ILE A 205 3.80 5.12 -23.68
N LEU A 206 4.46 6.16 -24.20
CA LEU A 206 3.95 7.05 -25.24
C LEU A 206 3.46 6.28 -26.49
N PRO A 207 2.49 6.84 -27.25
CA PRO A 207 1.76 6.13 -28.30
C PRO A 207 2.58 5.82 -29.56
N ASN A 208 3.88 6.00 -29.52
CA ASN A 208 4.84 5.74 -30.60
C ASN A 208 6.01 4.84 -30.17
N ILE A 209 6.15 4.50 -28.89
CA ILE A 209 7.05 3.45 -28.40
C ILE A 209 6.53 2.11 -28.89
N THR A 210 7.41 1.16 -29.16
CA THR A 210 7.08 -0.10 -29.85
C THR A 210 7.80 -1.30 -29.23
N THR A 211 7.33 -2.52 -29.55
CA THR A 211 7.83 -3.77 -28.95
C THR A 211 9.34 -3.91 -28.98
N THR A 212 9.96 -3.87 -30.17
CA THR A 212 11.36 -4.27 -30.31
C THR A 212 12.33 -3.29 -29.65
N TYR A 213 11.92 -2.03 -29.50
CA TYR A 213 12.63 -1.03 -28.68
C TYR A 213 12.39 -1.28 -27.20
N LEU A 214 11.12 -1.40 -26.78
CA LEU A 214 10.75 -1.48 -25.38
C LEU A 214 11.29 -2.74 -24.70
N LYS A 215 11.55 -3.82 -25.43
CA LYS A 215 12.19 -5.02 -24.88
C LYS A 215 13.67 -4.83 -24.53
N SER A 216 14.30 -3.70 -24.87
CA SER A 216 15.72 -3.46 -24.57
C SER A 216 16.09 -2.01 -24.21
N CYS A 217 15.20 -1.04 -24.33
CA CYS A 217 15.49 0.33 -23.91
C CYS A 217 15.75 0.41 -22.41
N ILE A 218 16.66 1.30 -22.00
CA ILE A 218 16.90 1.72 -20.62
C ILE A 218 17.00 3.23 -20.62
N TYR A 219 16.30 3.91 -19.71
CA TYR A 219 16.19 5.36 -19.65
C TYR A 219 17.52 6.10 -19.55
N ASP A 220 17.60 7.24 -20.23
CA ASP A 220 18.70 8.20 -20.17
C ASP A 220 18.17 9.56 -20.61
N ALA A 221 18.25 10.56 -19.73
CA ALA A 221 17.68 11.87 -20.01
C ALA A 221 18.25 12.53 -21.27
N LYS A 222 19.44 12.13 -21.73
CA LYS A 222 20.04 12.69 -22.95
C LYS A 222 19.55 12.06 -24.25
N THR A 223 19.15 10.79 -24.28
CA THR A 223 18.89 10.07 -25.54
C THR A 223 17.56 9.32 -25.62
N ASP A 224 16.94 8.97 -24.50
CA ASP A 224 15.73 8.15 -24.48
C ASP A 224 14.77 8.65 -23.39
N PRO A 225 14.24 9.87 -23.54
CA PRO A 225 13.51 10.57 -22.48
C PRO A 225 12.18 9.94 -22.12
N PHE A 226 11.73 8.90 -22.82
CA PHE A 226 10.41 8.32 -22.60
C PHE A 226 10.39 6.81 -22.37
N CYS A 227 11.53 6.13 -22.42
CA CYS A 227 11.54 4.70 -22.09
C CYS A 227 11.09 4.51 -20.63
N PRO A 228 10.13 3.64 -20.34
CA PRO A 228 9.59 3.47 -19.00
C PRO A 228 10.47 2.60 -18.10
N ILE A 229 11.60 2.11 -18.59
CA ILE A 229 12.47 1.20 -17.84
C ILE A 229 13.68 1.95 -17.30
N PHE A 230 13.91 1.87 -15.99
CA PHE A 230 15.03 2.48 -15.30
C PHE A 230 15.95 1.42 -14.73
N ARG A 231 17.23 1.71 -14.62
CA ARG A 231 18.22 0.81 -14.01
C ARG A 231 18.49 1.25 -12.59
N LEU A 232 18.32 0.38 -11.57
CA LEU A 232 18.28 0.80 -10.16
C LEU A 232 19.49 1.63 -9.75
N GLY A 233 20.70 1.20 -10.09
CA GLY A 233 21.91 1.98 -9.81
C GLY A 233 21.86 3.38 -10.42
N LYS A 234 21.32 3.50 -11.63
CA LYS A 234 21.16 4.77 -12.29
C LYS A 234 20.04 5.62 -11.70
N ILE A 235 19.01 5.04 -11.07
CA ILE A 235 18.02 5.84 -10.34
C ILE A 235 18.74 6.59 -9.23
N VAL A 236 19.55 5.89 -8.44
CA VAL A 236 20.28 6.46 -7.30
C VAL A 236 21.39 7.41 -7.75
N GLU A 237 22.13 7.09 -8.81
CA GLU A 237 23.16 8.00 -9.33
C GLU A 237 22.57 9.31 -9.86
N ASN A 238 21.39 9.31 -10.48
CA ASN A 238 20.79 10.58 -10.89
C ASN A 238 20.32 11.44 -9.70
N ALA A 239 20.11 10.85 -8.53
CA ALA A 239 19.89 11.58 -7.29
C ALA A 239 21.19 12.07 -6.61
N GLY A 240 22.36 11.73 -7.15
CA GLY A 240 23.67 12.19 -6.65
C GLY A 240 24.31 11.27 -5.61
N HIS A 241 23.67 10.18 -5.23
CA HIS A 241 24.21 9.20 -4.28
C HIS A 241 24.84 8.03 -5.02
N SER A 242 25.66 7.22 -4.33
CA SER A 242 26.28 6.03 -4.93
C SER A 242 25.65 4.76 -4.36
N PHE A 243 25.09 3.93 -5.23
CA PHE A 243 24.41 2.70 -4.86
C PHE A 243 25.33 1.72 -4.15
N GLN A 244 26.63 1.74 -4.47
CA GLN A 244 27.68 1.00 -3.79
C GLN A 244 27.63 1.16 -2.26
N ASP A 245 27.28 2.35 -1.77
CA ASP A 245 27.20 2.62 -0.33
C ASP A 245 25.75 2.58 0.19
N MET A 246 24.80 3.17 -0.53
CA MET A 246 23.41 3.24 -0.07
C MET A 246 22.78 1.86 0.12
N ALA A 247 23.25 0.87 -0.63
CA ALA A 247 22.82 -0.51 -0.46
C ALA A 247 23.19 -1.13 0.91
N VAL A 248 24.11 -0.55 1.67
CA VAL A 248 24.61 -1.16 2.92
C VAL A 248 23.57 -1.09 4.03
N GLU A 249 23.09 0.11 4.34
CA GLU A 249 22.19 0.37 5.47
C GLU A 249 20.74 0.68 5.04
N GLY A 250 20.45 0.64 3.75
CA GLY A 250 19.12 0.89 3.21
C GLY A 250 18.70 2.36 3.23
N GLY A 251 17.63 2.68 2.51
CA GLY A 251 17.16 4.05 2.28
C GLY A 251 15.94 4.13 1.36
N ILE A 252 15.49 5.34 1.05
CA ILE A 252 14.21 5.55 0.37
C ILE A 252 14.44 6.46 -0.83
N MET A 253 13.88 6.11 -1.97
CA MET A 253 14.22 6.67 -3.26
C MET A 253 12.97 7.01 -4.06
N GLY A 254 12.91 8.18 -4.69
CA GLY A 254 11.69 8.69 -5.31
C GLY A 254 11.86 8.92 -6.80
N ILE A 255 11.07 8.23 -7.63
CA ILE A 255 10.98 8.50 -9.06
C ILE A 255 9.86 9.52 -9.27
N GLN A 256 10.23 10.80 -9.36
CA GLN A 256 9.28 11.89 -9.55
C GLN A 256 8.86 11.97 -11.01
N VAL A 257 7.89 11.15 -11.41
CA VAL A 257 7.26 11.23 -12.73
C VAL A 257 6.34 12.45 -12.76
N ASN A 258 6.77 13.51 -13.44
CA ASN A 258 6.14 14.82 -13.39
C ASN A 258 5.37 15.09 -14.68
N TRP A 259 4.08 15.38 -14.58
CA TRP A 259 3.22 15.71 -15.71
C TRP A 259 2.78 17.18 -15.67
N ASP A 260 2.90 17.87 -16.78
CA ASP A 260 2.57 19.29 -16.94
C ASP A 260 2.25 19.55 -18.41
N CYS A 261 0.99 19.82 -18.72
CA CYS A 261 0.52 19.91 -20.09
C CYS A 261 -0.34 21.14 -20.32
N ASN A 262 -0.10 21.79 -21.47
CA ASN A 262 -0.96 22.84 -21.98
C ASN A 262 -1.80 22.14 -23.05
N LEU A 263 -2.98 21.71 -22.64
CA LEU A 263 -3.74 20.71 -23.36
C LEU A 263 -4.28 21.24 -24.69
N ASP A 264 -4.17 22.55 -24.89
CA ASP A 264 -4.50 23.25 -26.11
C ASP A 264 -3.75 22.71 -27.33
N ARG A 265 -2.52 22.23 -27.14
CA ARG A 265 -1.62 21.95 -28.26
C ARG A 265 -2.00 20.69 -29.00
N ALA A 266 -1.69 19.53 -28.44
CA ALA A 266 -2.09 18.22 -28.95
C ALA A 266 -2.01 17.15 -27.88
N ALA A 267 -2.89 16.15 -27.91
CA ALA A 267 -2.71 14.93 -27.11
C ALA A 267 -1.37 14.26 -27.45
N SER A 268 -0.93 14.33 -28.71
CA SER A 268 0.39 13.89 -29.15
C SER A 268 1.55 14.67 -28.53
N LEU A 269 1.29 15.80 -27.86
CA LEU A 269 2.30 16.72 -27.35
C LEU A 269 2.23 16.94 -25.83
N CYS A 270 1.24 16.38 -25.14
CA CYS A 270 1.32 16.19 -23.69
C CYS A 270 2.25 15.02 -23.34
N LEU A 271 3.25 15.23 -22.48
CA LEU A 271 4.39 14.31 -22.31
C LEU A 271 4.88 14.27 -20.85
N PRO A 272 5.41 13.15 -20.35
CA PRO A 272 5.97 13.05 -19.00
C PRO A 272 7.40 13.54 -18.97
N ARG A 273 7.88 13.98 -17.81
CA ARG A 273 9.30 14.29 -17.54
C ARG A 273 9.72 13.60 -16.25
N TYR A 274 10.96 13.13 -16.19
CA TYR A 274 11.42 12.28 -15.10
C TYR A 274 12.53 12.95 -14.30
N SER A 275 12.55 12.71 -12.99
CA SER A 275 13.55 13.22 -12.05
C SER A 275 13.65 12.29 -10.85
N PHE A 276 14.77 12.31 -10.14
CA PHE A 276 15.06 11.32 -9.10
C PHE A 276 15.60 11.99 -7.83
N ARG A 277 15.10 11.57 -6.68
CA ARG A 277 15.38 12.21 -5.39
C ARG A 277 15.58 11.16 -4.32
N ARG A 278 16.61 11.31 -3.48
CA ARG A 278 16.71 10.56 -2.23
C ARG A 278 15.76 11.15 -1.20
N LEU A 279 15.06 10.30 -0.45
CA LEU A 279 14.01 10.69 0.48
C LEU A 279 14.32 10.37 1.94
N ASP A 280 15.20 9.41 2.25
CA ASP A 280 15.76 9.31 3.60
C ASP A 280 16.86 10.38 3.77
N THR A 281 17.66 10.32 4.82
CA THR A 281 18.85 11.17 4.93
C THR A 281 19.92 10.49 5.77
N ARG A 282 21.19 10.76 5.50
CA ARG A 282 22.33 10.16 6.21
C ARG A 282 22.90 11.04 7.35
N ASP A 283 22.05 11.82 8.01
CA ASP A 283 22.42 12.69 9.13
C ASP A 283 22.66 11.91 10.45
N VAL A 284 23.56 10.93 10.46
CA VAL A 284 23.85 10.11 11.67
C VAL A 284 24.40 10.99 12.81
N GLU A 285 24.19 10.57 14.06
CA GLU A 285 24.60 11.25 15.31
C GLU A 285 23.85 12.57 15.61
N HIS A 286 23.60 13.36 14.57
CA HIS A 286 22.50 14.32 14.46
C HIS A 286 21.14 13.59 14.41
N ASN A 287 21.19 12.32 14.01
CA ASN A 287 20.20 11.25 14.08
C ASN A 287 18.95 11.39 13.20
N VAL A 288 18.34 10.24 12.94
CA VAL A 288 17.22 10.02 12.03
C VAL A 288 16.48 8.71 12.34
N SER A 289 16.75 8.08 13.49
CA SER A 289 16.47 6.66 13.78
C SER A 289 17.15 5.76 12.72
N PRO A 290 16.96 4.43 12.66
CA PRO A 290 17.65 3.60 11.68
C PRO A 290 17.48 4.07 10.21
N GLY A 291 18.49 3.81 9.35
CA GLY A 291 18.32 3.80 7.89
C GLY A 291 17.27 2.75 7.45
N TYR A 292 16.57 2.96 6.33
CA TYR A 292 15.32 2.24 6.08
C TYR A 292 15.49 0.72 5.91
N ASN A 293 14.74 -0.04 6.68
CA ASN A 293 14.76 -1.50 6.74
C ASN A 293 13.44 -2.01 7.31
N PHE A 294 13.17 -3.31 7.18
CA PHE A 294 12.07 -3.92 7.94
C PHE A 294 12.38 -5.35 8.34
N ARG A 295 11.67 -5.82 9.36
CA ARG A 295 12.14 -6.89 10.24
C ARG A 295 11.12 -8.01 10.28
N PHE A 296 10.82 -8.58 9.11
CA PHE A 296 9.89 -9.69 9.05
C PHE A 296 10.53 -10.97 9.59
N ALA A 297 9.70 -11.96 9.88
CA ALA A 297 10.15 -13.25 10.38
C ALA A 297 9.25 -14.38 9.87
N LYS A 298 9.75 -15.60 9.94
CA LYS A 298 9.00 -16.83 9.65
C LYS A 298 9.25 -17.85 10.72
N TYR A 299 8.33 -18.79 10.86
CA TYR A 299 8.23 -19.63 12.04
C TYR A 299 7.69 -21.01 11.70
N TYR A 300 8.12 -21.99 12.49
CA TYR A 300 8.13 -23.40 12.11
C TYR A 300 8.06 -24.29 13.34
N ARG A 301 7.66 -25.56 13.17
CA ARG A 301 7.61 -26.61 14.19
C ARG A 301 8.01 -27.95 13.58
N ASP A 302 8.56 -28.87 14.38
CA ASP A 302 8.53 -30.30 14.03
C ASP A 302 7.11 -30.86 14.22
N LEU A 303 6.86 -32.11 13.83
CA LEU A 303 5.58 -32.77 14.05
C LEU A 303 5.19 -32.79 15.54
N ALA A 304 6.17 -32.94 16.43
CA ALA A 304 6.00 -32.85 17.89
C ALA A 304 5.66 -31.44 18.41
N GLY A 305 5.75 -30.40 17.58
CA GLY A 305 5.26 -29.04 17.88
C GLY A 305 6.29 -28.08 18.49
N ASN A 306 7.58 -28.42 18.52
CA ASN A 306 8.62 -27.60 19.15
C ASN A 306 8.94 -26.38 18.29
N THR A 307 8.40 -25.21 18.64
CA THR A 307 8.42 -24.00 17.82
C THR A 307 9.80 -23.39 17.63
N GLN A 308 10.01 -22.75 16.48
CA GLN A 308 11.06 -21.77 16.26
C GLN A 308 10.55 -20.59 15.43
N ARG A 309 11.20 -19.44 15.57
CA ARG A 309 11.19 -18.37 14.57
C ARG A 309 12.59 -18.22 14.03
N THR A 310 12.70 -17.70 12.82
CA THR A 310 13.91 -17.04 12.32
C THR A 310 13.48 -15.70 11.73
N LEU A 311 14.33 -14.70 11.92
CA LEU A 311 13.99 -13.30 11.72
C LEU A 311 15.03 -12.68 10.81
N ILE A 312 14.56 -11.96 9.80
CA ILE A 312 15.39 -11.31 8.80
C ILE A 312 15.29 -9.82 9.07
N LYS A 313 16.40 -9.18 9.42
CA LYS A 313 16.42 -7.72 9.39
C LYS A 313 16.86 -7.33 7.99
N ALA A 314 15.88 -7.10 7.13
CA ALA A 314 16.13 -6.80 5.73
C ALA A 314 16.36 -5.31 5.55
N TYR A 315 17.56 -4.96 5.08
CA TYR A 315 17.92 -3.63 4.67
C TYR A 315 17.78 -3.54 3.17
N GLY A 316 17.25 -2.44 2.67
CA GLY A 316 17.02 -2.29 1.25
C GLY A 316 16.78 -0.86 0.82
N ILE A 317 16.60 -0.68 -0.47
CA ILE A 317 16.19 0.57 -1.03
C ILE A 317 14.71 0.42 -1.38
N ARG A 318 13.87 1.35 -0.93
CA ARG A 318 12.45 1.40 -1.32
C ARG A 318 12.27 2.44 -2.40
N PHE A 319 11.60 2.08 -3.49
CA PHE A 319 11.34 2.98 -4.60
C PHE A 319 9.88 3.40 -4.56
N ASP A 320 9.64 4.70 -4.41
CA ASP A 320 8.32 5.32 -4.43
C ASP A 320 8.12 6.02 -5.76
N ILE A 321 7.04 5.69 -6.49
CA ILE A 321 6.75 6.27 -7.80
C ILE A 321 5.82 7.43 -7.53
N ILE A 322 6.41 8.56 -7.15
CA ILE A 322 5.73 9.75 -6.67
C ILE A 322 5.24 10.59 -7.85
N VAL A 323 4.13 10.18 -8.47
CA VAL A 323 3.49 10.91 -9.56
C VAL A 323 2.82 12.17 -9.05
N PHE A 324 3.05 13.32 -9.69
CA PHE A 324 2.27 14.53 -9.47
C PHE A 324 2.17 15.31 -10.75
N GLY A 325 1.04 15.96 -10.96
CA GLY A 325 0.86 16.83 -12.10
C GLY A 325 -0.25 17.84 -11.89
N LYS A 326 -0.13 18.99 -12.55
CA LYS A 326 -1.28 19.83 -12.88
C LYS A 326 -1.25 20.08 -14.37
N ALA A 327 -2.40 20.23 -15.00
CA ALA A 327 -2.51 20.54 -16.43
C ALA A 327 -3.62 21.54 -16.67
N GLY A 328 -3.47 22.33 -17.72
CA GLY A 328 -4.38 23.42 -18.04
C GLY A 328 -4.86 23.36 -19.49
N LYS A 329 -6.12 23.75 -19.71
CA LYS A 329 -6.74 23.84 -21.04
C LYS A 329 -7.52 25.15 -21.15
N PHE A 330 -7.43 25.86 -22.28
CA PHE A 330 -7.81 27.27 -22.44
C PHE A 330 -9.14 27.65 -21.80
N ASP A 331 -10.22 26.99 -22.23
CA ASP A 331 -11.61 27.15 -21.82
C ASP A 331 -12.11 28.59 -21.66
N ILE A 332 -12.90 29.06 -22.62
CA ILE A 332 -13.34 30.46 -22.70
C ILE A 332 -14.27 30.90 -21.55
N ILE A 333 -15.21 30.08 -21.09
CA ILE A 333 -16.16 30.43 -20.02
C ILE A 333 -15.44 30.87 -18.73
N PRO A 334 -14.53 30.07 -18.13
CA PRO A 334 -13.84 30.49 -16.91
C PRO A 334 -12.80 31.57 -17.22
N THR A 335 -12.19 31.52 -18.40
CA THR A 335 -11.25 32.55 -18.83
C THR A 335 -11.89 33.93 -18.81
N MET A 336 -13.12 34.06 -19.30
CA MET A 336 -13.79 35.34 -19.40
C MET A 336 -13.94 36.03 -18.05
N ILE A 337 -14.10 35.26 -16.97
CA ILE A 337 -14.14 35.77 -15.61
C ILE A 337 -12.75 36.24 -15.17
N ASN A 338 -11.76 35.39 -15.36
CA ASN A 338 -10.42 35.62 -14.85
C ASN A 338 -9.74 36.81 -15.56
N ILE A 339 -9.77 36.76 -16.89
CA ILE A 339 -9.40 37.88 -17.76
C ILE A 339 -10.35 39.05 -17.56
N GLY A 340 -11.63 38.85 -17.24
CA GLY A 340 -12.55 39.96 -16.93
C GLY A 340 -12.03 40.90 -15.84
N SER A 341 -11.43 40.36 -14.75
CA SER A 341 -10.76 41.20 -13.75
C SER A 341 -9.62 42.02 -14.37
N GLY A 342 -8.88 41.42 -15.31
CA GLY A 342 -7.85 42.13 -16.08
C GLY A 342 -8.37 43.15 -17.10
N LEU A 343 -9.55 42.91 -17.68
CA LEU A 343 -10.18 43.75 -18.69
C LEU A 343 -10.70 45.07 -18.11
N ALA A 344 -11.10 45.08 -16.84
CA ALA A 344 -11.54 46.29 -16.14
C ALA A 344 -10.49 47.43 -16.22
N TYR B 42 -6.77 52.12 5.06
CA TYR B 42 -6.63 50.75 5.58
C TYR B 42 -7.19 49.66 4.67
N VAL B 43 -8.43 49.77 4.18
CA VAL B 43 -9.18 48.62 3.65
C VAL B 43 -8.46 47.87 2.55
N ILE B 44 -7.99 48.61 1.55
CA ILE B 44 -7.59 48.03 0.28
C ILE B 44 -6.31 47.20 0.43
N GLY B 45 -5.30 47.80 1.06
CA GLY B 45 -4.07 47.10 1.37
C GLY B 45 -4.30 45.97 2.35
N TRP B 46 -5.01 46.24 3.45
CA TRP B 46 -5.19 45.24 4.49
C TRP B 46 -5.89 44.00 4.00
N VAL B 47 -6.95 44.14 3.22
CA VAL B 47 -7.70 42.96 2.79
C VAL B 47 -6.81 42.06 1.94
N PHE B 48 -6.04 42.60 0.99
CA PHE B 48 -5.11 41.75 0.25
C PHE B 48 -3.99 41.17 1.12
N VAL B 49 -3.46 41.96 2.06
CA VAL B 49 -2.38 41.57 2.97
C VAL B 49 -2.78 40.48 3.95
N TRP B 50 -3.99 40.53 4.49
CA TRP B 50 -4.47 39.46 5.35
C TRP B 50 -4.79 38.20 4.54
N GLU B 51 -5.54 38.37 3.45
CA GLU B 51 -6.03 37.26 2.63
C GLU B 51 -4.93 36.45 1.95
N LYS B 52 -3.81 37.09 1.61
CA LYS B 52 -2.70 36.44 0.90
C LYS B 52 -3.13 35.98 -0.49
N GLY B 53 -3.53 36.95 -1.30
CA GLY B 53 -3.45 36.85 -2.76
C GLY B 53 -2.01 36.94 -3.28
N TYR B 54 -1.15 37.67 -2.56
CA TYR B 54 0.29 37.46 -2.59
C TYR B 54 0.63 36.17 -1.86
N GLN B 55 1.88 35.73 -1.99
CA GLN B 55 2.29 34.35 -1.75
C GLN B 55 1.71 33.39 -2.79
N GLU B 56 2.60 32.65 -3.44
CA GLU B 56 2.27 31.61 -4.41
C GLU B 56 2.36 30.26 -3.71
N THR B 57 1.39 29.39 -3.95
CA THR B 57 1.11 28.23 -3.11
C THR B 57 0.72 26.99 -3.89
N ASP B 58 1.11 25.85 -3.34
CA ASP B 58 0.98 24.52 -3.92
C ASP B 58 0.94 23.45 -2.82
N SER B 59 0.34 22.32 -3.09
CA SER B 59 -0.04 21.27 -2.15
C SER B 59 1.03 20.19 -2.17
N VAL B 60 1.20 19.44 -1.08
CA VAL B 60 2.51 18.88 -0.76
C VAL B 60 2.67 17.43 -1.17
N VAL B 61 3.89 17.13 -1.59
CA VAL B 61 4.33 15.82 -2.02
C VAL B 61 5.08 15.26 -0.83
N SER B 62 4.77 14.02 -0.47
CA SER B 62 5.12 13.48 0.84
C SER B 62 5.53 12.02 0.75
N SER B 63 6.42 11.60 1.63
CA SER B 63 6.73 10.20 1.85
C SER B 63 6.85 9.92 3.34
N VAL B 64 6.62 8.67 3.74
CA VAL B 64 6.47 8.23 5.12
C VAL B 64 7.14 6.88 5.32
N THR B 65 7.63 6.64 6.52
CA THR B 65 7.97 5.30 7.00
C THR B 65 7.60 5.18 8.46
N THR B 66 7.24 3.96 8.89
CA THR B 66 6.71 3.72 10.23
C THR B 66 7.25 2.44 10.84
N LYS B 67 7.56 2.48 12.12
CA LYS B 67 7.92 1.31 12.93
C LYS B 67 7.09 1.32 14.20
N VAL B 68 6.76 0.15 14.73
CA VAL B 68 6.22 0.02 16.08
C VAL B 68 7.27 -0.65 16.94
N LYS B 69 7.38 -0.24 18.20
CA LYS B 69 8.30 -0.79 19.20
C LYS B 69 7.53 -1.06 20.49
N GLY B 70 7.87 -2.13 21.18
CA GLY B 70 7.21 -2.56 22.41
C GLY B 70 7.10 -4.07 22.47
N VAL B 71 6.91 -4.60 23.67
CA VAL B 71 6.78 -6.05 23.86
C VAL B 71 5.63 -6.41 24.78
N ALA B 72 5.09 -7.60 24.60
CA ALA B 72 4.00 -8.12 25.42
C ALA B 72 4.19 -9.60 25.69
N VAL B 73 3.66 -10.08 26.80
CA VAL B 73 4.06 -11.35 27.40
C VAL B 73 2.98 -11.87 28.33
N THR B 74 3.07 -13.12 28.74
CA THR B 74 2.39 -13.70 29.90
C THR B 74 3.31 -14.80 30.46
N ARG B 75 3.16 -15.18 31.74
CA ARG B 75 4.14 -16.01 32.47
C ARG B 75 5.56 -15.38 32.46
N THR B 76 6.54 -16.11 32.99
CA THR B 76 7.90 -15.59 33.28
C THR B 76 8.96 -16.73 33.24
N SER B 77 10.07 -16.63 33.96
CA SER B 77 11.07 -17.70 34.11
C SER B 77 10.46 -18.99 34.68
N LYS B 78 11.10 -20.13 34.36
CA LYS B 78 10.62 -21.50 34.61
C LYS B 78 9.29 -21.87 33.93
N LEU B 79 8.77 -21.03 33.03
CA LEU B 79 7.48 -21.18 32.36
C LEU B 79 7.55 -20.76 30.87
N GLY B 80 6.54 -21.12 30.08
CA GLY B 80 6.46 -20.83 28.64
C GLY B 80 5.09 -20.35 28.16
N PHE B 81 5.09 -19.27 27.38
CA PHE B 81 3.94 -18.62 26.73
C PHE B 81 4.51 -17.68 25.65
N ARG B 82 3.98 -17.64 24.41
CA ARG B 82 4.64 -16.88 23.33
C ARG B 82 4.74 -15.40 23.65
N ILE B 83 5.97 -14.91 23.78
CA ILE B 83 6.29 -13.49 23.94
C ILE B 83 6.17 -12.77 22.59
N TRP B 84 5.58 -11.58 22.61
CA TRP B 84 5.18 -10.82 21.43
C TRP B 84 6.06 -9.59 21.24
N ASP B 85 6.53 -9.43 20.02
CA ASP B 85 7.41 -8.34 19.58
C ASP B 85 7.00 -7.83 18.20
N VAL B 86 7.70 -6.81 17.75
CA VAL B 86 7.51 -6.13 16.46
C VAL B 86 7.53 -7.09 15.27
N ALA B 87 8.20 -8.24 15.36
CA ALA B 87 8.21 -9.19 14.25
C ALA B 87 6.92 -10.00 14.17
N ASP B 88 6.16 -10.11 15.26
CA ASP B 88 4.86 -10.78 15.27
C ASP B 88 3.71 -9.79 15.01
N TYR B 89 3.46 -8.83 15.89
CA TYR B 89 2.14 -8.19 15.95
C TYR B 89 1.86 -7.14 14.86
N VAL B 90 2.82 -6.81 14.01
CA VAL B 90 2.65 -5.70 13.03
C VAL B 90 2.19 -6.16 11.63
N ILE B 91 2.09 -7.46 11.38
CA ILE B 91 1.88 -8.02 10.03
C ILE B 91 0.67 -7.38 9.34
N PRO B 92 0.79 -6.89 8.08
CA PRO B 92 1.94 -6.97 7.17
C PRO B 92 3.05 -5.97 7.49
N ALA B 93 4.30 -6.38 7.26
CA ALA B 93 5.50 -5.70 7.78
C ALA B 93 5.60 -4.20 7.45
N GLN B 94 5.14 -3.78 6.27
CA GLN B 94 4.99 -2.37 5.88
C GLN B 94 3.76 -2.22 4.97
N GLU B 95 3.17 -1.03 4.92
CA GLU B 95 2.21 -0.59 3.90
C GLU B 95 2.44 0.89 3.55
N GLU B 96 2.02 1.31 2.35
CA GLU B 96 2.08 2.71 1.95
C GLU B 96 1.33 3.59 2.96
N ASN B 97 2.01 4.59 3.51
CA ASN B 97 1.48 5.56 4.47
C ASN B 97 0.70 4.96 5.67
N SER B 98 0.89 3.70 6.02
CA SER B 98 0.00 3.06 7.02
C SER B 98 0.60 1.82 7.66
N LEU B 99 0.06 1.40 8.80
CA LEU B 99 0.48 0.20 9.51
C LEU B 99 -0.66 -0.39 10.32
N PHE B 100 -0.57 -1.67 10.67
CA PHE B 100 -1.61 -2.39 11.42
C PHE B 100 -1.07 -2.91 12.75
N VAL B 101 -1.90 -2.93 13.78
CA VAL B 101 -1.58 -3.58 15.04
C VAL B 101 -2.69 -4.54 15.43
N MET B 102 -2.33 -5.81 15.56
CA MET B 102 -3.22 -6.92 15.79
C MET B 102 -3.70 -6.97 17.26
N THR B 103 -4.76 -6.26 17.59
CA THR B 103 -5.20 -6.18 19.00
C THR B 103 -5.94 -7.41 19.50
N ASN B 104 -6.76 -8.08 18.68
CA ASN B 104 -7.57 -9.22 19.11
C ASN B 104 -7.74 -10.27 18.00
N VAL B 105 -7.72 -11.56 18.34
CA VAL B 105 -7.68 -12.64 17.34
C VAL B 105 -8.69 -13.73 17.59
N ILE B 106 -9.46 -14.10 16.56
CA ILE B 106 -10.34 -15.26 16.56
C ILE B 106 -9.73 -16.34 15.68
N LEU B 107 -9.70 -17.57 16.19
CA LEU B 107 -8.95 -18.67 15.61
C LEU B 107 -9.88 -19.71 15.00
N THR B 108 -9.71 -20.00 13.72
CA THR B 108 -10.40 -21.09 13.02
C THR B 108 -9.40 -22.18 12.65
N MET B 109 -9.66 -23.38 13.12
CA MET B 109 -8.64 -24.41 13.33
C MET B 109 -8.88 -25.68 12.56
N ASN B 110 -7.78 -26.33 12.15
CA ASN B 110 -7.76 -27.73 11.73
C ASN B 110 -8.83 -28.05 10.66
N GLN B 111 -8.90 -27.21 9.61
CA GLN B 111 -9.93 -27.32 8.59
C GLN B 111 -9.62 -28.43 7.57
N THR B 112 -10.68 -28.93 6.94
CA THR B 112 -10.69 -29.59 5.62
C THR B 112 -11.94 -29.09 4.84
N GLN B 113 -11.99 -29.28 3.52
CA GLN B 113 -13.21 -29.04 2.76
C GLN B 113 -14.20 -30.21 2.94
N GLY B 114 -15.49 -29.92 3.18
CA GLY B 114 -16.50 -30.95 3.48
C GLY B 114 -17.91 -30.42 3.78
N LEU B 115 -18.67 -31.17 4.59
CA LEU B 115 -20.09 -30.93 4.89
C LEU B 115 -20.30 -30.52 6.36
N CYS B 116 -20.92 -29.36 6.61
CA CYS B 116 -21.21 -28.88 7.97
C CYS B 116 -22.32 -27.83 8.01
N PRO B 117 -22.94 -27.57 9.18
CA PRO B 117 -23.97 -26.54 9.36
C PRO B 117 -23.42 -25.12 9.24
N GLU B 118 -24.27 -24.20 8.81
CA GLU B 118 -24.08 -22.76 8.98
C GLU B 118 -24.28 -22.34 10.45
N ILE B 119 -23.66 -21.22 10.83
CA ILE B 119 -23.81 -20.54 12.11
C ILE B 119 -25.25 -20.08 12.34
N PRO B 120 -25.80 -20.14 13.56
CA PRO B 120 -27.14 -19.67 13.84
C PRO B 120 -27.27 -18.14 13.72
N ASP B 121 -27.62 -17.67 12.53
CA ASP B 121 -28.03 -16.30 12.25
C ASP B 121 -29.36 -16.30 11.47
N ALA B 122 -30.25 -15.36 11.78
CA ALA B 122 -31.67 -15.39 11.41
C ALA B 122 -31.92 -15.59 9.91
N THR B 123 -31.09 -15.00 9.05
CA THR B 123 -31.24 -15.08 7.59
C THR B 123 -31.01 -16.48 7.02
N THR B 124 -30.50 -17.46 7.79
CA THR B 124 -30.71 -18.87 7.43
C THR B 124 -30.77 -19.83 8.64
N VAL B 125 -31.27 -19.39 9.79
CA VAL B 125 -31.88 -20.32 10.76
C VAL B 125 -33.14 -20.91 10.12
N CYS B 126 -33.34 -22.22 10.24
CA CYS B 126 -34.40 -22.96 9.53
C CYS B 126 -35.17 -23.88 10.50
N LYS B 127 -36.51 -23.88 10.36
CA LYS B 127 -37.40 -24.90 10.96
C LYS B 127 -37.32 -26.24 10.21
N SER B 128 -37.18 -26.11 8.91
CA SER B 128 -37.01 -27.13 7.88
C SER B 128 -36.54 -26.41 6.62
N ASP B 129 -36.06 -27.11 5.61
CA ASP B 129 -35.66 -26.50 4.34
C ASP B 129 -36.86 -25.84 3.61
N ALA B 130 -36.65 -24.64 3.05
CA ALA B 130 -37.64 -23.87 2.28
C ALA B 130 -36.98 -22.89 1.30
N SER B 131 -36.48 -21.75 1.77
CA SER B 131 -35.81 -20.74 0.93
C SER B 131 -34.33 -21.04 0.64
N CYS B 132 -33.68 -21.93 1.41
CA CYS B 132 -32.26 -22.29 1.28
C CYS B 132 -31.98 -23.24 0.10
N THR B 133 -32.20 -22.72 -1.12
CA THR B 133 -32.22 -23.48 -2.38
C THR B 133 -30.94 -24.29 -2.60
N ALA B 134 -31.07 -25.60 -2.84
CA ALA B 134 -29.96 -26.50 -3.14
C ALA B 134 -29.14 -26.00 -4.36
N GLY B 135 -27.82 -26.08 -4.28
CA GLY B 135 -26.91 -25.57 -5.32
C GLY B 135 -26.79 -24.04 -5.38
N SER B 136 -27.33 -23.31 -4.39
CA SER B 136 -27.23 -21.85 -4.28
C SER B 136 -26.53 -21.40 -2.98
N ALA B 137 -25.92 -20.22 -3.04
CA ALA B 137 -25.12 -19.61 -1.98
C ALA B 137 -25.33 -18.08 -1.98
N GLY B 138 -25.95 -17.54 -0.93
CA GLY B 138 -26.15 -16.10 -0.77
C GLY B 138 -24.84 -15.35 -0.48
N THR B 139 -24.77 -14.08 -0.85
CA THR B 139 -23.55 -13.26 -0.74
C THR B 139 -23.03 -13.07 0.69
N HIS B 140 -23.80 -13.38 1.74
CA HIS B 140 -23.30 -13.40 3.11
C HIS B 140 -22.42 -14.62 3.42
N SER B 141 -22.58 -15.70 2.66
CA SER B 141 -22.19 -17.05 3.06
C SER B 141 -20.73 -17.41 2.71
N ASN B 142 -20.31 -18.60 3.13
CA ASN B 142 -18.99 -19.17 2.86
C ASN B 142 -19.07 -20.61 2.32
N GLY B 143 -20.19 -21.00 1.71
CA GLY B 143 -20.41 -22.34 1.17
C GLY B 143 -21.78 -22.51 0.51
N VAL B 144 -22.01 -23.64 -0.16
CA VAL B 144 -23.14 -23.85 -1.06
C VAL B 144 -24.18 -24.80 -0.46
N SER B 145 -25.48 -24.48 -0.55
CA SER B 145 -26.56 -25.30 0.00
C SER B 145 -26.66 -26.70 -0.62
N THR B 146 -26.97 -27.69 0.19
CA THR B 146 -27.39 -29.04 -0.25
C THR B 146 -28.91 -29.18 -0.38
N GLY B 147 -29.67 -28.19 0.09
CA GLY B 147 -31.11 -28.27 0.28
C GLY B 147 -31.54 -28.89 1.61
N ARG B 148 -30.61 -29.31 2.49
CA ARG B 148 -30.93 -29.92 3.81
C ARG B 148 -30.80 -28.91 4.97
N CYS B 149 -31.86 -28.77 5.76
CA CYS B 149 -31.84 -28.09 7.07
C CYS B 149 -31.31 -29.05 8.15
N VAL B 150 -29.99 -29.22 8.20
CA VAL B 150 -29.32 -30.15 9.12
C VAL B 150 -29.52 -29.76 10.59
N ALA B 151 -29.60 -30.75 11.46
CA ALA B 151 -29.62 -30.52 12.90
C ALA B 151 -28.33 -29.84 13.37
N PHE B 152 -28.45 -28.95 14.34
CA PHE B 152 -27.33 -28.33 15.04
C PHE B 152 -27.74 -28.00 16.49
N ASN B 153 -26.79 -27.96 17.44
CA ASN B 153 -27.10 -27.88 18.86
C ASN B 153 -27.69 -26.51 19.30
N GLY B 154 -28.44 -26.49 20.41
CA GLY B 154 -29.16 -25.30 20.88
C GLY B 154 -30.43 -25.07 20.08
N SER B 155 -30.50 -23.95 19.36
CA SER B 155 -31.39 -23.82 18.21
C SER B 155 -31.17 -24.99 17.26
N VAL B 156 -32.18 -25.88 17.17
CA VAL B 156 -32.03 -27.31 16.85
C VAL B 156 -31.55 -27.63 15.42
N LYS B 157 -31.58 -26.70 14.47
CA LYS B 157 -31.18 -26.91 13.05
C LYS B 157 -30.62 -25.62 12.41
N THR B 158 -29.80 -25.77 11.37
CA THR B 158 -29.41 -24.70 10.43
C THR B 158 -29.23 -25.27 9.02
N CYS B 159 -29.23 -24.43 7.99
CA CYS B 159 -29.01 -24.94 6.63
C CYS B 159 -27.58 -25.47 6.45
N GLU B 160 -27.43 -26.57 5.73
CA GLU B 160 -26.11 -27.14 5.44
C GLU B 160 -25.36 -26.32 4.39
N VAL B 161 -24.03 -26.29 4.48
CA VAL B 161 -23.18 -25.87 3.36
C VAL B 161 -22.10 -26.89 3.06
N ALA B 162 -21.81 -27.08 1.78
CA ALA B 162 -20.53 -27.56 1.33
C ALA B 162 -19.54 -26.39 1.43
N ALA B 163 -18.43 -26.58 2.14
CA ALA B 163 -17.60 -25.46 2.60
C ALA B 163 -16.24 -25.94 3.12
N TRP B 164 -15.37 -25.01 3.49
CA TRP B 164 -14.37 -25.30 4.52
C TRP B 164 -15.10 -25.56 5.84
N CYS B 165 -14.76 -26.64 6.55
CA CYS B 165 -15.44 -27.04 7.77
C CYS B 165 -14.45 -27.33 8.92
N PRO B 166 -14.83 -27.08 10.18
CA PRO B 166 -16.00 -26.32 10.61
C PRO B 166 -15.97 -24.88 10.11
N VAL B 167 -17.14 -24.25 10.09
CA VAL B 167 -17.28 -22.86 9.68
C VAL B 167 -16.66 -21.91 10.70
N GLU B 168 -16.31 -20.71 10.23
CA GLU B 168 -15.90 -19.59 11.07
C GLU B 168 -17.03 -19.13 12.00
N ASP B 169 -16.78 -19.09 13.30
CA ASP B 169 -17.70 -18.52 14.29
C ASP B 169 -17.15 -17.19 14.82
N ASP B 170 -17.90 -16.11 14.66
CA ASP B 170 -17.59 -14.80 15.23
C ASP B 170 -18.75 -14.23 16.07
N THR B 171 -19.58 -15.09 16.64
CA THR B 171 -20.72 -14.68 17.47
C THR B 171 -20.32 -14.03 18.80
N HIS B 172 -19.06 -14.20 19.23
CA HIS B 172 -18.55 -13.62 20.48
C HIS B 172 -17.08 -13.20 20.39
N VAL B 173 -16.85 -11.98 19.91
CA VAL B 173 -15.52 -11.37 19.83
C VAL B 173 -14.89 -11.32 21.23
N PRO B 174 -13.80 -12.05 21.50
CA PRO B 174 -13.29 -12.25 22.85
C PRO B 174 -12.98 -10.96 23.61
N GLN B 175 -13.26 -10.94 24.92
CA GLN B 175 -13.01 -9.83 25.84
C GLN B 175 -12.38 -10.35 27.15
N PRO B 176 -11.39 -9.67 27.72
CA PRO B 176 -10.71 -8.51 27.16
C PRO B 176 -9.93 -8.87 25.89
N ALA B 177 -9.59 -7.87 25.08
CA ALA B 177 -8.87 -8.06 23.81
C ALA B 177 -7.52 -8.74 24.04
N PHE B 178 -7.14 -9.72 23.21
CA PHE B 178 -6.02 -10.60 23.54
C PHE B 178 -4.70 -9.85 23.75
N LEU B 179 -4.33 -8.96 22.83
CA LEU B 179 -3.10 -8.18 22.95
C LEU B 179 -3.34 -6.89 23.75
N LYS B 180 -3.94 -7.01 24.95
CA LYS B 180 -4.29 -5.88 25.83
C LYS B 180 -3.12 -4.94 26.09
N ALA B 181 -1.91 -5.50 26.17
CA ALA B 181 -0.68 -4.75 26.39
C ALA B 181 -0.31 -3.75 25.28
N ALA B 182 -0.93 -3.82 24.10
CA ALA B 182 -0.58 -2.97 22.97
C ALA B 182 -0.81 -1.46 23.21
N GLU B 183 -1.64 -1.09 24.19
CA GLU B 183 -1.88 0.31 24.56
C GLU B 183 -0.58 1.09 24.81
N ARG B 184 0.43 0.42 25.37
CA ARG B 184 1.74 0.96 25.75
C ARG B 184 2.77 1.00 24.64
N PHE B 185 2.55 0.33 23.51
CA PHE B 185 3.48 0.31 22.38
C PHE B 185 3.68 1.71 21.80
N THR B 186 4.79 1.92 21.12
CA THR B 186 5.11 3.21 20.51
C THR B 186 5.34 3.09 19.01
N LEU B 187 4.71 3.97 18.25
CA LEU B 187 4.82 4.12 16.80
C LEU B 187 5.72 5.31 16.48
N LEU B 188 6.75 5.08 15.67
CA LEU B 188 7.63 6.11 15.16
C LEU B 188 7.14 6.50 13.77
N VAL B 189 6.80 7.77 13.59
CA VAL B 189 6.35 8.30 12.31
C VAL B 189 7.43 9.21 11.77
N LYS B 190 8.09 8.80 10.70
CA LYS B 190 9.10 9.60 10.00
C LYS B 190 8.51 10.01 8.66
N ASN B 191 8.47 11.31 8.40
CA ASN B 191 7.82 11.92 7.26
C ASN B 191 8.74 12.95 6.62
N ASN B 192 8.88 12.92 5.29
CA ASN B 192 9.60 13.92 4.51
C ASN B 192 8.65 14.61 3.55
N ILE B 193 8.66 15.94 3.53
CA ILE B 193 7.85 16.75 2.63
C ILE B 193 8.71 17.47 1.60
N TRP B 194 8.16 17.60 0.41
CA TRP B 194 8.75 18.19 -0.78
C TRP B 194 7.75 19.17 -1.40
N TYR B 195 8.21 20.33 -1.85
CA TYR B 195 7.33 21.26 -2.58
C TYR B 195 7.87 21.43 -4.01
N PRO B 196 7.15 20.99 -5.04
CA PRO B 196 7.69 21.01 -6.38
C PRO B 196 7.84 22.42 -6.94
N LYS B 197 7.13 23.41 -6.37
CA LYS B 197 7.30 24.83 -6.75
C LYS B 197 8.57 25.46 -6.22
N PHE B 198 9.40 24.72 -5.49
CA PHE B 198 10.67 25.19 -4.93
C PHE B 198 11.73 24.10 -4.98
N ASN B 199 12.98 24.41 -4.64
CA ASN B 199 13.96 23.37 -4.34
C ASN B 199 13.80 22.83 -2.90
N PHE B 200 12.72 23.18 -2.22
CA PHE B 200 12.53 22.98 -0.78
C PHE B 200 12.13 21.53 -0.42
N SER B 201 12.66 21.05 0.70
CA SER B 201 12.16 19.85 1.39
C SER B 201 12.48 19.92 2.88
N LYS B 202 11.74 19.18 3.71
CA LYS B 202 12.03 19.10 5.15
C LYS B 202 11.60 17.77 5.75
N ARG B 203 12.26 17.36 6.82
CA ARG B 203 12.09 16.10 7.55
C ARG B 203 11.42 16.34 8.90
N ASN B 204 10.37 15.60 9.26
CA ASN B 204 9.59 15.91 10.46
C ASN B 204 10.38 15.75 11.75
N ILE B 205 11.46 14.98 11.75
CA ILE B 205 12.46 15.03 12.81
C ILE B 205 13.25 16.33 12.65
N LEU B 206 12.80 17.39 13.31
CA LEU B 206 13.34 18.75 13.17
C LEU B 206 14.85 18.83 13.36
N PRO B 207 15.54 19.80 12.73
CA PRO B 207 17.00 19.85 12.61
C PRO B 207 17.76 20.15 13.91
N ASN B 208 17.07 20.13 15.05
CA ASN B 208 17.60 20.36 16.39
C ASN B 208 17.25 19.24 17.39
N ILE B 209 16.42 18.27 17.02
CA ILE B 209 16.23 17.03 17.76
C ILE B 209 17.51 16.22 17.70
N THR B 210 17.83 15.45 18.74
CA THR B 210 19.13 14.79 18.89
C THR B 210 19.01 13.38 19.43
N THR B 211 20.06 12.56 19.32
CA THR B 211 20.08 11.14 19.69
C THR B 211 19.52 10.86 21.08
N THR B 212 20.12 11.45 22.12
CA THR B 212 19.83 11.02 23.50
C THR B 212 18.42 11.39 23.96
N TYR B 213 17.83 12.43 23.36
CA TYR B 213 16.41 12.74 23.51
C TYR B 213 15.53 11.77 22.71
N LEU B 214 15.83 11.61 21.42
CA LEU B 214 14.99 10.85 20.50
C LEU B 214 14.91 9.37 20.88
N LYS B 215 15.90 8.82 21.57
CA LYS B 215 15.85 7.43 22.07
C LYS B 215 14.86 7.24 23.23
N SER B 216 14.26 8.29 23.78
CA SER B 216 13.31 8.17 24.89
C SER B 216 12.14 9.16 24.88
N CYS B 217 12.10 10.15 23.99
CA CYS B 217 10.94 11.04 23.90
C CYS B 217 9.68 10.28 23.49
N ILE B 218 8.53 10.71 24.01
CA ILE B 218 7.19 10.30 23.58
C ILE B 218 6.36 11.58 23.47
N TYR B 219 5.63 11.75 22.36
CA TYR B 219 4.87 12.96 22.04
C TYR B 219 3.85 13.37 23.09
N ASP B 220 3.71 14.67 23.30
CA ASP B 220 2.71 15.31 24.12
C ASP B 220 2.55 16.75 23.64
N ALA B 221 1.35 17.14 23.22
CA ALA B 221 1.10 18.45 22.64
C ALA B 221 1.45 19.60 23.58
N LYS B 222 1.51 19.37 24.90
CA LYS B 222 1.84 20.42 25.88
C LYS B 222 3.34 20.62 26.07
N THR B 223 4.19 19.60 25.89
CA THR B 223 5.62 19.70 26.29
C THR B 223 6.64 19.27 25.24
N ASP B 224 6.26 18.45 24.26
CA ASP B 224 7.18 17.90 23.27
C ASP B 224 6.53 17.86 21.89
N PRO B 225 6.23 19.03 21.30
CA PRO B 225 5.38 19.14 20.12
C PRO B 225 6.01 18.58 18.85
N PHE B 226 7.26 18.12 18.88
CA PHE B 226 7.97 17.67 17.69
C PHE B 226 8.59 16.28 17.77
N CYS B 227 8.51 15.61 18.92
CA CYS B 227 8.99 14.23 18.99
C CYS B 227 8.21 13.35 18.00
N PRO B 228 8.86 12.57 17.12
CA PRO B 228 8.19 11.79 16.11
C PRO B 228 7.60 10.48 16.64
N ILE B 229 7.72 10.19 17.94
CA ILE B 229 7.28 8.93 18.52
C ILE B 229 5.98 9.13 19.28
N PHE B 230 4.96 8.35 18.95
CA PHE B 230 3.64 8.38 19.56
C PHE B 230 3.39 7.07 20.31
N ARG B 231 2.61 7.11 21.38
CA ARG B 231 2.22 5.91 22.12
C ARG B 231 0.81 5.49 21.72
N LEU B 232 0.60 4.26 21.26
CA LEU B 232 -0.65 3.87 20.57
C LEU B 232 -1.90 4.21 21.37
N GLY B 233 -1.95 3.88 22.66
CA GLY B 233 -3.07 4.25 23.52
C GLY B 233 -3.33 5.75 23.53
N LYS B 234 -2.27 6.55 23.54
CA LYS B 234 -2.38 8.00 23.50
C LYS B 234 -2.78 8.52 22.13
N ILE B 235 -2.51 7.82 21.03
CA ILE B 235 -3.04 8.23 19.72
C ILE B 235 -4.56 8.20 19.80
N VAL B 236 -5.12 7.10 20.29
CA VAL B 236 -6.57 6.89 20.40
C VAL B 236 -7.20 7.80 21.44
N GLU B 237 -6.58 8.00 22.60
CA GLU B 237 -7.10 8.92 23.61
C GLU B 237 -7.14 10.37 23.13
N ASN B 238 -6.19 10.84 22.34
CA ASN B 238 -6.29 12.19 21.79
C ASN B 238 -7.41 12.34 20.75
N ALA B 239 -7.88 11.25 20.16
CA ALA B 239 -9.09 11.25 19.33
C ALA B 239 -10.40 11.15 20.15
N GLY B 240 -10.32 11.00 21.47
CA GLY B 240 -11.48 10.96 22.37
C GLY B 240 -12.05 9.57 22.64
N HIS B 241 -11.49 8.53 22.05
CA HIS B 241 -11.91 7.15 22.28
C HIS B 241 -11.02 6.46 23.31
N SER B 242 -11.46 5.34 23.87
CA SER B 242 -10.65 4.57 24.84
C SER B 242 -10.14 3.28 24.22
N PHE B 243 -8.83 3.11 24.18
CA PHE B 243 -8.16 1.95 23.59
C PHE B 243 -8.57 0.64 24.26
N GLN B 244 -8.90 0.69 25.55
CA GLN B 244 -9.47 -0.42 26.30
C GLN B 244 -10.65 -1.10 25.60
N ASP B 245 -11.50 -0.31 24.92
CA ASP B 245 -12.67 -0.83 24.21
C ASP B 245 -12.42 -0.96 22.69
N MET B 246 -11.78 0.02 22.06
CA MET B 246 -11.56 0.00 20.61
C MET B 246 -10.72 -1.19 20.16
N ALA B 247 -9.85 -1.69 21.02
CA ALA B 247 -9.07 -2.89 20.76
C ALA B 247 -9.92 -4.15 20.61
N VAL B 248 -11.18 -4.19 21.04
CA VAL B 248 -11.99 -5.42 21.04
C VAL B 248 -12.40 -5.82 19.63
N GLU B 249 -13.05 -4.91 18.90
CA GLU B 249 -13.65 -5.19 17.59
C GLU B 249 -12.89 -4.54 16.43
N GLY B 250 -11.78 -3.86 16.71
CA GLY B 250 -10.94 -3.21 15.70
C GLY B 250 -11.55 -1.93 15.13
N GLY B 251 -10.73 -1.16 14.42
CA GLY B 251 -11.07 0.17 13.90
C GLY B 251 -9.92 0.86 13.19
N ILE B 252 -10.12 2.10 12.74
CA ILE B 252 -9.18 2.80 11.86
C ILE B 252 -8.88 4.16 12.44
N MET B 253 -7.61 4.53 12.46
CA MET B 253 -7.09 5.65 13.23
C MET B 253 -6.15 6.50 12.39
N GLY B 254 -6.27 7.82 12.45
CA GLY B 254 -5.56 8.72 11.54
C GLY B 254 -4.65 9.68 12.29
N ILE B 255 -3.34 9.63 12.02
CA ILE B 255 -2.39 10.62 12.50
C ILE B 255 -2.30 11.73 11.45
N GLN B 256 -3.05 12.81 11.64
CA GLN B 256 -3.07 13.93 10.72
C GLN B 256 -1.85 14.82 10.94
N VAL B 257 -0.72 14.46 10.35
CA VAL B 257 0.49 15.29 10.32
C VAL B 257 0.26 16.45 9.35
N ASN B 258 0.03 17.64 9.87
CA ASN B 258 -0.43 18.79 9.10
C ASN B 258 0.72 19.80 8.93
N TRP B 259 1.03 20.13 7.68
CA TRP B 259 2.07 21.10 7.33
C TRP B 259 1.46 22.37 6.72
N ASP B 260 1.88 23.53 7.20
CA ASP B 260 1.39 24.85 6.78
C ASP B 260 2.47 25.87 7.07
N CYS B 261 3.09 26.41 6.03
CA CYS B 261 4.27 27.27 6.17
C CYS B 261 4.16 28.53 5.32
N ASN B 262 4.56 29.64 5.93
CA ASN B 262 4.77 30.91 5.23
C ASN B 262 6.27 30.98 5.02
N LEU B 263 6.69 30.53 3.84
CA LEU B 263 8.08 30.16 3.60
C LEU B 263 9.01 31.37 3.60
N ASP B 264 8.43 32.57 3.60
CA ASP B 264 9.11 33.85 3.74
C ASP B 264 9.97 33.94 4.99
N ARG B 265 9.56 33.29 6.08
CA ARG B 265 10.15 33.55 7.38
C ARG B 265 11.52 32.91 7.53
N ALA B 266 11.57 31.60 7.73
CA ALA B 266 12.82 30.82 7.77
C ALA B 266 12.54 29.34 7.55
N ALA B 267 13.47 28.62 6.91
CA ALA B 267 13.43 27.16 6.89
C ALA B 267 13.45 26.61 8.34
N SER B 268 14.16 27.28 9.24
CA SER B 268 14.16 27.00 10.67
C SER B 268 12.80 27.18 11.35
N LEU B 269 11.83 27.81 10.68
CA LEU B 269 10.54 28.19 11.25
C LEU B 269 9.33 27.59 10.52
N CYS B 270 9.54 26.87 9.42
CA CYS B 270 8.53 25.94 8.91
C CYS B 270 8.49 24.66 9.74
N LEU B 271 7.31 24.26 10.26
CA LEU B 271 7.17 23.27 11.34
C LEU B 271 5.91 22.41 11.17
N PRO B 272 5.90 21.14 11.59
CA PRO B 272 4.73 20.29 11.54
C PRO B 272 3.84 20.51 12.76
N ARG B 273 2.54 20.22 12.63
CA ARG B 273 1.58 20.16 13.74
C ARG B 273 0.81 18.85 13.69
N TYR B 274 0.47 18.28 14.83
CA TYR B 274 -0.09 16.93 14.91
C TYR B 274 -1.50 16.95 15.47
N SER B 275 -2.35 16.05 14.98
CA SER B 275 -3.73 15.87 15.42
C SER B 275 -4.18 14.44 15.13
N PHE B 276 -5.19 13.95 15.83
CA PHE B 276 -5.57 12.54 15.79
C PHE B 276 -7.07 12.37 15.66
N ARG B 277 -7.50 11.47 14.77
CA ARG B 277 -8.91 11.30 14.41
C ARG B 277 -9.23 9.83 14.28
N ARG B 278 -10.36 9.39 14.82
CA ARG B 278 -10.94 8.09 14.49
C ARG B 278 -11.61 8.14 13.12
N LEU B 279 -11.42 7.12 12.31
CA LEU B 279 -11.87 7.09 10.93
C LEU B 279 -12.91 6.01 10.64
N ASP B 280 -13.01 4.94 11.43
CA ASP B 280 -14.19 4.08 11.38
C ASP B 280 -15.35 4.76 12.13
N THR B 281 -16.45 4.06 12.42
CA THR B 281 -17.47 4.57 13.34
C THR B 281 -18.19 3.44 14.04
N ARG B 282 -18.67 3.67 15.26
CA ARG B 282 -19.38 2.65 16.06
C ARG B 282 -20.91 2.72 15.97
N ASP B 283 -21.44 3.12 14.83
CA ASP B 283 -22.89 3.23 14.56
C ASP B 283 -23.56 1.84 14.34
N VAL B 284 -23.44 0.91 15.27
CA VAL B 284 -24.03 -0.45 15.15
C VAL B 284 -25.56 -0.37 15.04
N GLU B 285 -26.18 -1.36 14.39
CA GLU B 285 -27.63 -1.49 14.13
C GLU B 285 -28.23 -0.47 13.15
N HIS B 286 -27.77 0.79 13.26
CA HIS B 286 -27.71 1.79 12.19
C HIS B 286 -26.71 1.36 11.08
N ASN B 287 -25.78 0.49 11.47
CA ASN B 287 -24.85 -0.33 10.71
C ASN B 287 -23.74 0.39 9.93
N VAL B 288 -22.69 -0.37 9.65
CA VAL B 288 -21.43 0.06 9.05
C VAL B 288 -20.65 -1.12 8.44
N SER B 289 -21.30 -2.29 8.29
CA SER B 289 -20.65 -3.60 8.12
C SER B 289 -19.68 -3.87 9.29
N PRO B 290 -18.86 -4.94 9.32
CA PRO B 290 -17.99 -5.20 10.47
C PRO B 290 -17.08 -4.03 10.87
N GLY B 291 -16.73 -3.91 12.17
CA GLY B 291 -15.57 -3.13 12.62
C GLY B 291 -14.27 -3.65 12.01
N TYR B 292 -13.25 -2.80 11.82
CA TYR B 292 -12.16 -3.14 10.90
C TYR B 292 -11.31 -4.33 11.34
N ASN B 293 -11.16 -5.30 10.44
CA ASN B 293 -10.46 -6.56 10.65
C ASN B 293 -10.05 -7.14 9.29
N PHE B 294 -9.16 -8.12 9.27
CA PHE B 294 -8.93 -8.92 8.06
C PHE B 294 -8.62 -10.37 8.37
N ARG B 295 -8.83 -11.22 7.37
CA ARG B 295 -9.11 -12.63 7.57
C ARG B 295 -8.12 -13.48 6.79
N PHE B 296 -6.84 -13.31 7.09
CA PHE B 296 -5.81 -14.11 6.43
C PHE B 296 -5.81 -15.55 6.95
N ALA B 297 -5.16 -16.44 6.23
CA ALA B 297 -5.05 -17.83 6.60
C ALA B 297 -3.70 -18.40 6.16
N LYS B 298 -3.33 -19.54 6.75
CA LYS B 298 -2.15 -20.32 6.36
C LYS B 298 -2.52 -21.78 6.28
N TYR B 299 -1.74 -22.53 5.52
CA TYR B 299 -2.13 -23.85 5.05
C TYR B 299 -0.93 -24.77 4.90
N TYR B 300 -1.18 -26.06 5.08
CA TYR B 300 -0.17 -27.05 5.45
C TYR B 300 -0.60 -28.44 4.99
N ARG B 301 0.37 -29.36 4.89
CA ARG B 301 0.18 -30.79 4.55
C ARG B 301 1.16 -31.64 5.35
N ASP B 302 0.82 -32.90 5.64
CA ASP B 302 1.84 -33.91 5.96
C ASP B 302 2.60 -34.32 4.67
N LEU B 303 3.64 -35.15 4.79
CA LEU B 303 4.37 -35.65 3.62
C LEU B 303 3.44 -36.41 2.66
N ALA B 304 2.44 -37.13 3.18
CA ALA B 304 1.40 -37.80 2.41
C ALA B 304 0.40 -36.84 1.70
N GLY B 305 0.44 -35.54 1.99
CA GLY B 305 -0.28 -34.51 1.24
C GLY B 305 -1.66 -34.14 1.77
N ASN B 306 -2.06 -34.59 2.96
CA ASN B 306 -3.40 -34.36 3.52
C ASN B 306 -3.53 -32.90 4.01
N THR B 307 -4.18 -32.05 3.20
CA THR B 307 -4.21 -30.59 3.40
C THR B 307 -4.97 -30.14 4.64
N GLN B 308 -4.54 -29.03 5.22
CA GLN B 308 -5.34 -28.21 6.11
C GLN B 308 -5.12 -26.72 5.84
N ARG B 309 -6.10 -25.90 6.21
CA ARG B 309 -5.92 -24.47 6.48
C ARG B 309 -6.19 -24.22 7.95
N THR B 310 -5.61 -23.16 8.48
CA THR B 310 -6.11 -22.48 9.67
C THR B 310 -6.18 -21.00 9.36
N LEU B 311 -7.21 -20.35 9.89
CA LEU B 311 -7.64 -19.03 9.48
C LEU B 311 -7.74 -18.15 10.71
N ILE B 312 -7.17 -16.96 10.61
CA ILE B 312 -7.12 -15.99 11.69
C ILE B 312 -8.05 -14.86 11.29
N LYS B 313 -9.12 -14.63 12.04
CA LYS B 313 -9.87 -13.39 11.87
C LYS B 313 -9.23 -12.38 12.79
N ALA B 314 -8.29 -11.61 12.26
CA ALA B 314 -7.52 -10.65 13.03
C ALA B 314 -8.27 -9.33 13.11
N TYR B 315 -8.60 -8.93 14.32
CA TYR B 315 -9.15 -7.63 14.63
C TYR B 315 -8.03 -6.76 15.13
N GLY B 316 -8.01 -5.50 14.72
CA GLY B 316 -6.94 -4.60 15.09
C GLY B 316 -7.27 -3.15 14.86
N ILE B 317 -6.32 -2.29 15.21
CA ILE B 317 -6.39 -0.89 14.90
C ILE B 317 -5.43 -0.66 13.74
N ARG B 318 -5.89 -0.02 12.67
CA ARG B 318 -5.03 0.40 11.55
C ARG B 318 -4.69 1.86 11.70
N PHE B 319 -3.42 2.22 11.60
CA PHE B 319 -2.96 3.59 11.70
C PHE B 319 -2.59 4.09 10.33
N ASP B 320 -3.27 5.13 9.87
CA ASP B 320 -3.01 5.81 8.61
C ASP B 320 -2.31 7.14 8.89
N ILE B 321 -1.15 7.37 8.28
CA ILE B 321 -0.35 8.57 8.48
C ILE B 321 -0.76 9.53 7.37
N ILE B 322 -1.88 10.21 7.59
CA ILE B 322 -2.58 11.04 6.61
C ILE B 322 -1.93 12.41 6.56
N VAL B 323 -0.79 12.52 5.87
CA VAL B 323 -0.09 13.80 5.66
C VAL B 323 -0.83 14.67 4.67
N PHE B 324 -1.06 15.93 4.99
CA PHE B 324 -1.52 16.93 4.03
C PHE B 324 -0.95 18.28 4.37
N GLY B 325 -0.65 19.06 3.35
CA GLY B 325 -0.18 20.42 3.54
C GLY B 325 -0.39 21.30 2.32
N LYS B 326 -0.55 22.60 2.55
CA LYS B 326 -0.26 23.61 1.55
C LYS B 326 0.70 24.61 2.17
N ALA B 327 1.57 25.21 1.36
CA ALA B 327 2.51 26.22 1.82
C ALA B 327 2.63 27.33 0.79
N GLY B 328 2.95 28.53 1.26
CA GLY B 328 3.00 29.71 0.43
C GLY B 328 4.31 30.49 0.61
N LYS B 329 4.80 31.08 -0.48
CA LYS B 329 6.00 31.93 -0.50
C LYS B 329 5.73 33.18 -1.32
N PHE B 330 6.16 34.36 -0.87
CA PHE B 330 5.70 35.68 -1.34
C PHE B 330 5.59 35.82 -2.85
N ASP B 331 6.72 35.62 -3.54
CA ASP B 331 6.93 35.69 -5.00
C ASP B 331 6.26 36.89 -5.70
N ILE B 332 7.07 37.89 -6.07
CA ILE B 332 6.58 39.15 -6.63
C ILE B 332 5.89 39.02 -8.00
N ILE B 333 6.39 38.20 -8.93
CA ILE B 333 5.81 38.04 -10.28
C ILE B 333 4.31 37.65 -10.23
N PRO B 334 3.91 36.55 -9.55
CA PRO B 334 2.49 36.19 -9.50
C PRO B 334 1.72 37.13 -8.59
N THR B 335 2.36 37.64 -7.55
CA THR B 335 1.74 38.62 -6.66
C THR B 335 1.27 39.84 -7.43
N MET B 336 2.09 40.36 -8.35
CA MET B 336 1.78 41.58 -9.08
C MET B 336 0.49 41.45 -9.88
N ILE B 337 0.16 40.26 -10.37
CA ILE B 337 -1.11 39.98 -11.05
C ILE B 337 -2.26 39.99 -10.05
N ASN B 338 -2.09 39.25 -8.96
CA ASN B 338 -3.16 39.01 -7.99
C ASN B 338 -3.54 40.31 -7.27
N ILE B 339 -2.53 40.98 -6.72
CA ILE B 339 -2.62 42.33 -6.18
C ILE B 339 -2.98 43.33 -7.28
N GLY B 340 -2.58 43.13 -8.53
CA GLY B 340 -2.98 44.01 -9.65
C GLY B 340 -4.50 44.17 -9.76
N SER B 341 -5.27 43.07 -9.61
CA SER B 341 -6.74 43.17 -9.53
C SER B 341 -7.19 44.05 -8.36
N GLY B 342 -6.51 43.96 -7.22
CA GLY B 342 -6.74 44.84 -6.08
C GLY B 342 -6.30 46.30 -6.25
N LEU B 343 -5.25 46.54 -7.03
CA LEU B 343 -4.67 47.86 -7.30
C LEU B 343 -5.57 48.72 -8.18
N ALA B 344 -6.35 48.11 -9.08
CA ALA B 344 -7.31 48.81 -9.93
C ALA B 344 -8.28 49.69 -9.11
N TYR C 42 -27.99 42.11 -15.34
CA TYR C 42 -27.72 40.65 -15.25
C TYR C 42 -26.24 40.29 -15.22
N VAL C 43 -25.41 40.78 -16.14
CA VAL C 43 -24.10 40.17 -16.45
C VAL C 43 -23.21 40.03 -15.24
N ILE C 44 -23.05 41.12 -14.50
CA ILE C 44 -21.98 41.26 -13.52
C ILE C 44 -22.20 40.34 -12.32
N GLY C 45 -23.40 40.39 -11.76
CA GLY C 45 -23.79 39.50 -10.69
C GLY C 45 -23.83 38.05 -11.15
N TRP C 46 -24.48 37.79 -12.29
CA TRP C 46 -24.67 36.42 -12.75
C TRP C 46 -23.36 35.71 -13.00
N VAL C 47 -22.39 36.36 -13.65
CA VAL C 47 -21.15 35.68 -13.97
C VAL C 47 -20.43 35.26 -12.69
N PHE C 48 -20.34 36.13 -11.68
CA PHE C 48 -19.73 35.70 -10.42
C PHE C 48 -20.56 34.62 -9.70
N VAL C 49 -21.89 34.73 -9.73
CA VAL C 49 -22.81 33.80 -9.08
C VAL C 49 -22.79 32.41 -9.70
N TRP C 50 -22.72 32.30 -11.02
CA TRP C 50 -22.60 31.01 -11.67
C TRP C 50 -21.21 30.42 -11.44
N GLU C 51 -20.16 31.21 -11.68
CA GLU C 51 -18.77 30.76 -11.63
C GLU C 51 -18.31 30.31 -10.25
N LYS C 52 -18.87 30.90 -9.19
CA LYS C 52 -18.47 30.60 -7.81
C LYS C 52 -17.02 30.98 -7.54
N GLY C 53 -16.76 32.28 -7.70
CA GLY C 53 -15.65 32.96 -7.01
C GLY C 53 -15.94 33.14 -5.51
N TYR C 54 -17.21 33.28 -5.13
CA TYR C 54 -17.69 32.94 -3.80
C TYR C 54 -17.71 31.43 -3.62
N GLN C 55 -17.91 30.99 -2.39
CA GLN C 55 -17.54 29.66 -1.93
C GLN C 55 -16.03 29.45 -1.89
N GLU C 56 -15.53 29.07 -0.72
CA GLU C 56 -14.13 28.75 -0.46
C GLU C 56 -14.00 27.23 -0.48
N THR C 57 -12.94 26.73 -1.13
CA THR C 57 -12.84 25.34 -1.59
C THR C 57 -11.46 24.75 -1.44
N ASP C 58 -11.43 23.45 -1.16
CA ASP C 58 -10.27 22.65 -0.85
C ASP C 58 -10.51 21.18 -1.21
N SER C 59 -9.45 20.44 -1.47
CA SER C 59 -9.45 19.11 -2.08
C SER C 59 -9.33 18.08 -0.94
N VAL C 60 -9.83 16.86 -1.15
CA VAL C 60 -10.32 16.06 -0.04
C VAL C 60 -9.33 15.04 0.49
N VAL C 61 -9.38 14.87 1.80
CA VAL C 61 -8.57 13.93 2.55
C VAL C 61 -9.47 12.75 2.81
N SER C 62 -8.97 11.56 2.54
CA SER C 62 -9.80 10.37 2.39
C SER C 62 -9.15 9.14 2.99
N SER C 63 -9.96 8.21 3.48
CA SER C 63 -9.52 6.88 3.86
C SER C 63 -10.54 5.86 3.39
N VAL C 64 -10.08 4.62 3.18
CA VAL C 64 -10.81 3.54 2.53
C VAL C 64 -10.55 2.22 3.22
N THR C 65 -11.53 1.33 3.20
CA THR C 65 -11.32 -0.10 3.50
C THR C 65 -12.19 -0.92 2.56
N THR C 66 -11.72 -2.12 2.23
CA THR C 66 -12.37 -2.97 1.24
C THR C 66 -12.38 -4.43 1.64
N LYS C 67 -13.48 -5.11 1.37
CA LYS C 67 -13.63 -6.57 1.51
C LYS C 67 -14.22 -7.13 0.24
N VAL C 68 -13.86 -8.36 -0.12
CA VAL C 68 -14.57 -9.11 -1.15
C VAL C 68 -15.31 -10.25 -0.47
N LYS C 69 -16.50 -10.58 -0.95
CA LYS C 69 -17.34 -11.67 -0.48
C LYS C 69 -17.83 -12.48 -1.67
N GLY C 70 -17.92 -13.79 -1.51
CA GLY C 70 -18.34 -14.72 -2.55
C GLY C 70 -17.56 -16.02 -2.47
N VAL C 71 -18.08 -17.07 -3.07
CA VAL C 71 -17.41 -18.38 -3.07
C VAL C 71 -17.42 -19.03 -4.44
N ALA C 72 -16.45 -19.89 -4.69
CA ALA C 72 -16.31 -20.62 -5.94
C ALA C 72 -15.83 -22.04 -5.67
N VAL C 73 -16.18 -22.97 -6.55
CA VAL C 73 -16.13 -24.40 -6.26
C VAL C 73 -16.10 -25.20 -7.56
N THR C 74 -15.79 -26.47 -7.47
CA THR C 74 -16.06 -27.50 -8.49
C THR C 74 -16.28 -28.83 -7.74
N ARG C 75 -16.98 -29.80 -8.36
CA ARG C 75 -17.49 -31.00 -7.68
C ARG C 75 -18.42 -30.63 -6.48
N THR C 76 -18.86 -31.62 -5.73
CA THR C 76 -19.91 -31.50 -4.68
C THR C 76 -19.73 -32.56 -3.57
N SER C 77 -20.81 -32.98 -2.88
CA SER C 77 -20.77 -34.08 -1.90
C SER C 77 -20.26 -35.40 -2.50
N LYS C 78 -19.72 -36.27 -1.65
CA LYS C 78 -18.98 -37.50 -2.00
C LYS C 78 -17.71 -37.30 -2.86
N LEU C 79 -17.27 -36.06 -3.06
CA LEU C 79 -16.14 -35.67 -3.93
C LEU C 79 -15.29 -34.54 -3.29
N GLY C 80 -14.08 -34.31 -3.83
CA GLY C 80 -13.14 -33.31 -3.33
C GLY C 80 -12.44 -32.50 -4.43
N PHE C 81 -12.43 -31.18 -4.25
CA PHE C 81 -11.79 -30.15 -5.10
C PHE C 81 -11.73 -28.86 -4.26
N ARG C 82 -10.61 -28.12 -4.22
CA ARG C 82 -10.48 -26.98 -3.29
C ARG C 82 -11.53 -25.91 -3.54
N ILE C 83 -12.40 -25.71 -2.55
CA ILE C 83 -13.39 -24.64 -2.53
C ILE C 83 -12.73 -23.31 -2.18
N TRP C 84 -13.10 -22.25 -2.86
CA TRP C 84 -12.46 -20.94 -2.84
C TRP C 84 -13.32 -19.91 -2.14
N ASP C 85 -12.70 -19.18 -1.22
CA ASP C 85 -13.32 -18.14 -0.41
C ASP C 85 -12.39 -16.93 -0.26
N VAL C 86 -12.88 -15.92 0.42
CA VAL C 86 -12.19 -14.65 0.69
C VAL C 86 -10.83 -14.84 1.33
N ALA C 87 -10.57 -15.93 2.06
CA ALA C 87 -9.28 -16.14 2.66
C ALA C 87 -8.23 -16.64 1.65
N ASP C 88 -8.67 -17.22 0.52
CA ASP C 88 -7.78 -17.63 -0.56
C ASP C 88 -7.61 -16.53 -1.62
N TYR C 89 -8.66 -16.16 -2.34
CA TYR C 89 -8.47 -15.49 -3.63
C TYR C 89 -8.09 -14.00 -3.58
N VAL C 90 -8.04 -13.39 -2.41
CA VAL C 90 -7.81 -11.92 -2.30
C VAL C 90 -6.35 -11.52 -2.07
N ILE C 91 -5.44 -12.47 -1.87
CA ILE C 91 -4.06 -12.22 -1.41
C ILE C 91 -3.37 -11.16 -2.30
N PRO C 92 -2.74 -10.10 -1.75
CA PRO C 92 -2.51 -9.83 -0.32
C PRO C 92 -3.74 -9.28 0.40
N ALA C 93 -3.89 -9.65 1.68
CA ALA C 93 -5.12 -9.49 2.45
C ALA C 93 -5.71 -8.06 2.47
N GLN C 94 -4.87 -7.03 2.50
CA GLN C 94 -5.24 -5.63 2.34
C GLN C 94 -4.11 -4.88 1.59
N GLU C 95 -4.46 -3.79 0.91
CA GLU C 95 -3.52 -2.76 0.43
C GLU C 95 -4.13 -1.36 0.58
N GLU C 96 -3.29 -0.33 0.63
CA GLU C 96 -3.75 1.06 0.67
C GLU C 96 -4.63 1.36 -0.55
N ASN C 97 -5.84 1.83 -0.31
CA ASN C 97 -6.84 2.21 -1.31
C ASN C 97 -7.08 1.17 -2.43
N SER C 98 -6.76 -0.11 -2.24
CA SER C 98 -6.79 -1.06 -3.36
C SER C 98 -6.88 -2.52 -2.92
N LEU C 99 -7.28 -3.41 -3.84
CA LEU C 99 -7.35 -4.85 -3.59
C LEU C 99 -7.16 -5.63 -4.87
N PHE C 100 -6.80 -6.91 -4.77
CA PHE C 100 -6.55 -7.79 -5.91
C PHE C 100 -7.48 -8.99 -5.91
N VAL C 101 -7.89 -9.45 -7.08
CA VAL C 101 -8.62 -10.70 -7.24
C VAL C 101 -7.93 -11.58 -8.26
N MET C 102 -7.53 -12.76 -7.82
CA MET C 102 -6.74 -13.72 -8.57
C MET C 102 -7.60 -14.47 -9.59
N THR C 103 -7.77 -13.93 -10.79
CA THR C 103 -8.66 -14.54 -11.77
C THR C 103 -8.08 -15.76 -12.48
N ASN C 104 -6.78 -15.81 -12.78
CA ASN C 104 -6.16 -16.90 -13.55
C ASN C 104 -4.72 -17.18 -13.09
N VAL C 105 -4.30 -18.44 -13.03
CA VAL C 105 -3.02 -18.83 -12.43
C VAL C 105 -2.20 -19.77 -13.30
N ILE C 106 -0.93 -19.45 -13.50
CA ILE C 106 0.04 -20.33 -14.14
C ILE C 106 0.99 -20.84 -13.08
N LEU C 107 1.24 -22.15 -13.09
CA LEU C 107 1.93 -22.85 -12.02
C LEU C 107 3.33 -23.32 -12.46
N THR C 108 4.35 -22.90 -11.73
CA THR C 108 5.72 -23.36 -11.91
C THR C 108 6.15 -24.20 -10.72
N MET C 109 6.53 -25.45 -10.98
CA MET C 109 6.48 -26.53 -10.01
C MET C 109 7.82 -27.18 -9.72
N ASN C 110 7.98 -27.64 -8.49
CA ASN C 110 9.01 -28.61 -8.10
C ASN C 110 10.44 -28.18 -8.56
N GLN C 111 10.80 -26.92 -8.30
CA GLN C 111 12.05 -26.35 -8.79
C GLN C 111 13.25 -26.79 -7.94
N THR C 112 14.43 -26.77 -8.55
CA THR C 112 15.76 -26.61 -7.93
C THR C 112 16.60 -25.65 -8.78
N GLN C 113 17.69 -25.10 -8.25
CA GLN C 113 18.66 -24.37 -9.06
C GLN C 113 19.55 -25.33 -9.88
N GLY C 114 19.77 -25.07 -11.17
CA GLY C 114 20.52 -25.97 -12.06
C GLY C 114 20.62 -25.51 -13.52
N LEU C 115 20.73 -26.48 -14.44
CA LEU C 115 20.98 -26.28 -15.87
C LEU C 115 19.77 -26.68 -16.74
N CYS C 116 19.24 -25.76 -17.55
CA CYS C 116 18.11 -26.04 -18.44
C CYS C 116 18.00 -25.03 -19.61
N PRO C 117 17.27 -25.37 -20.68
CA PRO C 117 17.04 -24.48 -21.82
C PRO C 117 16.15 -23.28 -21.48
N GLU C 118 16.35 -22.18 -22.19
CA GLU C 118 15.39 -21.08 -22.28
C GLU C 118 14.16 -21.47 -23.13
N ILE C 119 13.04 -20.80 -22.89
CA ILE C 119 11.80 -20.88 -23.66
C ILE C 119 12.01 -20.44 -25.11
N PRO C 120 11.36 -21.07 -26.10
CA PRO C 120 11.48 -20.67 -27.49
C PRO C 120 10.83 -19.31 -27.76
N ASP C 121 11.61 -18.24 -27.65
CA ASP C 121 11.28 -16.88 -28.09
C ASP C 121 12.42 -16.32 -28.95
N ALA C 122 12.07 -15.59 -30.01
CA ALA C 122 12.96 -15.27 -31.12
C ALA C 122 14.29 -14.61 -30.69
N THR C 123 14.27 -13.76 -29.67
CA THR C 123 15.46 -13.05 -29.20
C THR C 123 16.52 -13.95 -28.55
N THR C 124 16.24 -15.24 -28.29
CA THR C 124 17.32 -16.22 -28.12
C THR C 124 16.96 -17.65 -28.56
N VAL C 125 16.08 -17.83 -29.55
CA VAL C 125 16.11 -19.05 -30.38
C VAL C 125 17.42 -19.07 -31.15
N CYS C 126 18.10 -20.21 -31.21
CA CYS C 126 19.46 -20.34 -31.77
C CYS C 126 19.56 -21.53 -32.73
N LYS C 127 20.22 -21.32 -33.87
CA LYS C 127 20.67 -22.38 -34.80
C LYS C 127 21.89 -23.12 -34.22
N SER C 128 22.75 -22.35 -33.56
CA SER C 128 23.97 -22.69 -32.85
C SER C 128 24.31 -21.47 -31.99
N ASP C 129 25.23 -21.58 -31.04
CA ASP C 129 25.68 -20.45 -30.24
C ASP C 129 26.39 -19.38 -31.11
N ALA C 130 26.10 -18.10 -30.85
CA ALA C 130 26.68 -16.93 -31.52
C ALA C 130 26.62 -15.66 -30.65
N SER C 131 25.46 -14.99 -30.55
CA SER C 131 25.27 -13.78 -29.74
C SER C 131 25.02 -14.06 -28.24
N CYS C 132 24.65 -15.29 -27.86
CA CYS C 132 24.32 -15.70 -26.48
C CYS C 132 25.58 -15.90 -25.60
N THR C 133 26.30 -14.80 -25.36
CA THR C 133 27.64 -14.78 -24.75
C THR C 133 27.68 -15.49 -23.40
N ALA C 134 28.58 -16.45 -23.25
CA ALA C 134 28.82 -17.17 -21.99
C ALA C 134 29.12 -16.21 -20.82
N GLY C 135 28.52 -16.48 -19.65
CA GLY C 135 28.65 -15.61 -18.47
C GLY C 135 27.85 -14.31 -18.55
N SER C 136 26.96 -14.14 -19.55
CA SER C 136 26.08 -12.98 -19.70
C SER C 136 24.60 -13.36 -19.68
N ALA C 137 23.76 -12.41 -19.27
CA ALA C 137 22.32 -12.53 -19.08
C ALA C 137 21.61 -11.22 -19.47
N GLY C 138 20.81 -11.25 -20.54
CA GLY C 138 20.03 -10.09 -20.98
C GLY C 138 18.88 -9.77 -20.03
N THR C 139 18.45 -8.52 -19.99
CA THR C 139 17.42 -8.02 -19.04
C THR C 139 16.05 -8.67 -19.20
N HIS C 140 15.76 -9.40 -20.30
CA HIS C 140 14.54 -10.20 -20.41
C HIS C 140 14.58 -11.49 -19.58
N SER C 141 15.77 -11.98 -19.27
CA SER C 141 16.01 -13.37 -18.89
C SER C 141 15.84 -13.66 -17.40
N ASN C 142 15.96 -14.93 -17.03
CA ASN C 142 15.90 -15.42 -15.65
C ASN C 142 17.09 -16.34 -15.30
N GLY C 143 18.21 -16.23 -16.01
CA GLY C 143 19.41 -17.04 -15.79
C GLY C 143 20.57 -16.68 -16.72
N VAL C 144 21.74 -17.26 -16.48
CA VAL C 144 23.01 -16.83 -17.11
C VAL C 144 23.49 -17.82 -18.17
N SER C 145 23.95 -17.36 -19.32
CA SER C 145 24.42 -18.22 -20.41
C SER C 145 25.65 -19.05 -20.05
N THR C 146 25.70 -20.28 -20.54
CA THR C 146 26.90 -21.14 -20.54
C THR C 146 27.72 -21.01 -21.84
N GLY C 147 27.18 -20.34 -22.85
CA GLY C 147 27.69 -20.34 -24.22
C GLY C 147 27.21 -21.51 -25.07
N ARG C 148 26.37 -22.44 -24.55
CA ARG C 148 25.85 -23.59 -25.31
C ARG C 148 24.41 -23.37 -25.80
N CYS C 149 24.20 -23.54 -27.11
CA CYS C 149 22.88 -23.66 -27.74
C CYS C 149 22.34 -25.10 -27.57
N VAL C 150 21.83 -25.43 -26.39
CA VAL C 150 21.35 -26.78 -26.04
C VAL C 150 20.15 -27.19 -26.88
N ALA C 151 20.05 -28.48 -27.19
CA ALA C 151 18.87 -29.04 -27.84
C ALA C 151 17.62 -28.86 -26.97
N PHE C 152 16.48 -28.60 -27.61
CA PHE C 152 15.17 -28.57 -26.98
C PHE C 152 14.10 -29.01 -28.00
N ASN C 153 12.97 -29.58 -27.54
CA ASN C 153 12.00 -30.24 -28.43
C ASN C 153 11.22 -29.24 -29.32
N GLY C 154 10.71 -29.72 -30.47
CA GLY C 154 10.04 -28.89 -31.47
C GLY C 154 11.05 -28.12 -32.31
N SER C 155 11.04 -26.79 -32.23
CA SER C 155 12.19 -25.97 -32.57
C SER C 155 13.43 -26.49 -31.81
N VAL C 156 14.36 -27.06 -32.56
CA VAL C 156 15.28 -28.12 -32.10
C VAL C 156 16.31 -27.70 -31.02
N LYS C 157 16.55 -26.40 -30.78
CA LYS C 157 17.53 -25.89 -29.80
C LYS C 157 17.11 -24.54 -29.20
N THR C 158 17.61 -24.21 -28.01
CA THR C 158 17.58 -22.85 -27.41
C THR C 158 18.85 -22.61 -26.59
N CYS C 159 19.18 -21.37 -26.27
CA CYS C 159 20.36 -21.10 -25.44
C CYS C 159 20.16 -21.63 -24.01
N GLU C 160 21.20 -22.20 -23.41
CA GLU C 160 21.15 -22.68 -22.04
C GLU C 160 21.18 -21.52 -21.03
N VAL C 161 20.54 -21.69 -19.87
CA VAL C 161 20.80 -20.85 -18.71
C VAL C 161 21.09 -21.68 -17.48
N ALA C 162 22.02 -21.19 -16.66
CA ALA C 162 22.06 -21.52 -15.24
C ALA C 162 20.95 -20.70 -14.56
N ALA C 163 20.05 -21.36 -13.83
CA ALA C 163 18.78 -20.76 -13.44
C ALA C 163 18.06 -21.59 -12.36
N TRP C 164 16.94 -21.10 -11.86
CA TRP C 164 15.90 -22.00 -11.35
C TRP C 164 15.36 -22.83 -12.52
N CYS C 165 15.26 -24.15 -12.37
CA CYS C 165 14.84 -25.05 -13.44
C CYS C 165 13.73 -26.01 -12.99
N PRO C 166 12.82 -26.41 -13.89
CA PRO C 166 12.61 -25.87 -15.22
C PRO C 166 12.22 -24.40 -15.19
N VAL C 167 12.41 -23.72 -16.31
CA VAL C 167 12.03 -22.31 -16.47
C VAL C 167 10.53 -22.12 -16.46
N GLU C 168 10.10 -20.91 -16.10
CA GLU C 168 8.73 -20.44 -16.24
C GLU C 168 8.28 -20.41 -17.71
N ASP C 169 7.19 -21.09 -18.04
CA ASP C 169 6.54 -21.03 -19.35
C ASP C 169 5.23 -20.25 -19.26
N ASP C 170 5.09 -19.17 -20.02
CA ASP C 170 3.86 -18.40 -20.16
C ASP C 170 3.44 -18.21 -21.62
N THR C 171 3.81 -19.16 -22.49
CA THR C 171 3.47 -19.11 -23.92
C THR C 171 1.98 -19.32 -24.20
N HIS C 172 1.20 -19.82 -23.23
CA HIS C 172 -0.24 -20.05 -23.36
C HIS C 172 -1.01 -19.82 -22.08
N VAL C 173 -1.39 -18.56 -21.83
CA VAL C 173 -2.21 -18.16 -20.68
C VAL C 173 -3.54 -18.93 -20.71
N PRO C 174 -3.83 -19.81 -19.74
CA PRO C 174 -4.94 -20.76 -19.83
C PRO C 174 -6.31 -20.10 -20.04
N GLN C 175 -7.16 -20.74 -20.84
CA GLN C 175 -8.53 -20.32 -21.16
C GLN C 175 -9.49 -21.52 -21.06
N PRO C 176 -10.70 -21.36 -20.51
CA PRO C 176 -11.17 -20.16 -19.82
C PRO C 176 -10.38 -19.89 -18.53
N ALA C 177 -10.43 -18.67 -18.03
CA ALA C 177 -9.70 -18.24 -16.83
C ALA C 177 -10.09 -19.09 -15.61
N PHE C 178 -9.13 -19.52 -14.80
CA PHE C 178 -9.38 -20.56 -13.81
C PHE C 178 -10.49 -20.19 -12.81
N LEU C 179 -10.44 -19.00 -12.22
CA LEU C 179 -11.45 -18.55 -11.27
C LEU C 179 -12.60 -17.86 -12.00
N LYS C 180 -13.17 -18.51 -13.02
CA LYS C 180 -14.28 -17.99 -13.86
C LYS C 180 -15.45 -17.46 -13.04
N ALA C 181 -15.73 -18.12 -11.91
CA ALA C 181 -16.81 -17.75 -11.00
C ALA C 181 -16.66 -16.37 -10.35
N ALA C 182 -15.48 -15.73 -10.40
CA ALA C 182 -15.23 -14.46 -9.73
C ALA C 182 -16.09 -13.30 -10.24
N GLU C 183 -16.67 -13.39 -11.44
CA GLU C 183 -17.57 -12.38 -12.01
C GLU C 183 -18.71 -12.01 -11.06
N ARG C 184 -19.20 -12.98 -10.29
CA ARG C 184 -20.33 -12.88 -9.35
C ARG C 184 -19.96 -12.38 -7.95
N PHE C 185 -18.68 -12.33 -7.60
CA PHE C 185 -18.23 -11.86 -6.29
C PHE C 185 -18.61 -10.41 -6.05
N THR C 186 -18.69 -9.99 -4.79
CA THR C 186 -19.03 -8.62 -4.43
C THR C 186 -17.96 -7.97 -3.59
N LEU C 187 -17.59 -6.74 -3.95
CA LEU C 187 -16.64 -5.86 -3.27
C LEU C 187 -17.40 -4.81 -2.48
N LEU C 188 -17.12 -4.69 -1.20
CA LEU C 188 -17.65 -3.65 -0.33
C LEU C 188 -16.61 -2.54 -0.25
N VAL C 189 -17.00 -1.34 -0.65
CA VAL C 189 -16.14 -0.16 -0.59
C VAL C 189 -16.67 0.77 0.48
N LYS C 190 -15.93 0.90 1.58
CA LYS C 190 -16.26 1.82 2.66
C LYS C 190 -15.23 2.94 2.65
N ASN C 191 -15.70 4.18 2.53
CA ASN C 191 -14.90 5.37 2.35
C ASN C 191 -15.35 6.47 3.31
N ASN C 192 -14.41 7.12 3.98
CA ASN C 192 -14.66 8.29 4.82
C ASN C 192 -13.90 9.48 4.27
N ILE C 193 -14.58 10.61 4.11
CA ILE C 193 -14.00 11.86 3.65
C ILE C 193 -13.97 12.91 4.74
N TRP C 194 -12.92 13.72 4.72
CA TRP C 194 -12.59 14.77 5.68
C TRP C 194 -12.22 16.03 4.91
N TYR C 195 -12.68 17.20 5.35
CA TYR C 195 -12.25 18.47 4.75
C TYR C 195 -11.52 19.30 5.79
N PRO C 196 -10.21 19.55 5.64
CA PRO C 196 -9.45 20.21 6.69
C PRO C 196 -9.84 21.68 6.86
N LYS C 197 -10.48 22.30 5.85
CA LYS C 197 -11.00 23.66 5.96
C LYS C 197 -12.27 23.77 6.81
N PHE C 198 -12.77 22.67 7.33
CA PHE C 198 -13.97 22.63 8.18
C PHE C 198 -13.82 21.61 9.30
N ASN C 199 -14.76 21.56 10.24
CA ASN C 199 -14.86 20.40 11.15
C ASN C 199 -15.57 19.21 10.47
N PHE C 200 -15.81 19.27 9.15
CA PHE C 200 -16.68 18.37 8.41
C PHE C 200 -16.04 17.00 8.11
N SER C 201 -16.83 15.95 8.19
CA SER C 201 -16.51 14.63 7.61
C SER C 201 -17.77 13.88 7.26
N LYS C 202 -17.70 12.91 6.35
CA LYS C 202 -18.85 12.05 6.02
C LYS C 202 -18.42 10.65 5.57
N ARG C 203 -19.29 9.67 5.77
CA ARG C 203 -19.10 8.24 5.49
C ARG C 203 -19.95 7.82 4.29
N ASN C 204 -19.38 7.13 3.30
CA ASN C 204 -20.10 6.85 2.05
C ASN C 204 -21.31 5.95 2.25
N ILE C 205 -21.37 5.17 3.32
CA ILE C 205 -22.60 4.54 3.77
C ILE C 205 -23.48 5.63 4.37
N LEU C 206 -24.34 6.22 3.55
CA LEU C 206 -25.16 7.38 3.89
C LEU C 206 -25.99 7.17 5.18
N PRO C 207 -26.32 8.24 5.92
CA PRO C 207 -26.88 8.18 7.28
C PRO C 207 -28.33 7.67 7.36
N ASN C 208 -28.86 7.13 6.28
CA ASN C 208 -30.20 6.57 6.16
C ASN C 208 -30.22 5.13 5.58
N ILE C 209 -29.08 4.60 5.13
CA ILE C 209 -28.91 3.18 4.81
C ILE C 209 -28.97 2.38 6.11
N THR C 210 -29.48 1.16 6.06
CA THR C 210 -29.81 0.37 7.25
C THR C 210 -29.43 -1.09 7.11
N THR C 211 -29.37 -1.84 8.21
CA THR C 211 -28.90 -3.24 8.26
C THR C 211 -29.56 -4.14 7.22
N THR C 212 -30.88 -4.27 7.24
CA THR C 212 -31.56 -5.32 6.48
C THR C 212 -31.50 -5.07 4.97
N TYR C 213 -31.34 -3.83 4.53
CA TYR C 213 -31.01 -3.47 3.16
C TYR C 213 -29.54 -3.76 2.84
N LEU C 214 -28.63 -3.25 3.67
CA LEU C 214 -27.20 -3.32 3.40
C LEU C 214 -26.67 -4.75 3.38
N LYS C 215 -27.32 -5.70 4.06
CA LYS C 215 -26.94 -7.12 3.99
C LYS C 215 -27.29 -7.79 2.64
N SER C 216 -27.99 -7.11 1.73
CA SER C 216 -28.35 -7.69 0.42
C SER C 216 -28.36 -6.71 -0.76
N CYS C 217 -28.20 -5.41 -0.56
CA CYS C 217 -28.10 -4.48 -1.68
C CYS C 217 -26.86 -4.75 -2.54
N ILE C 218 -26.99 -4.53 -3.85
CA ILE C 218 -25.90 -4.50 -4.81
C ILE C 218 -26.11 -3.27 -5.70
N TYR C 219 -25.08 -2.46 -5.91
CA TYR C 219 -25.15 -1.18 -6.62
C TYR C 219 -25.71 -1.27 -8.03
N ASP C 220 -26.48 -0.26 -8.41
CA ASP C 220 -26.99 -0.04 -9.76
C ASP C 220 -27.33 1.45 -9.90
N ALA C 221 -26.70 2.13 -10.85
CA ALA C 221 -26.85 3.57 -11.00
C ALA C 221 -28.29 4.00 -11.25
N LYS C 222 -29.18 3.10 -11.71
CA LYS C 222 -30.58 3.44 -11.96
C LYS C 222 -31.47 3.34 -10.72
N THR C 223 -31.18 2.48 -9.75
CA THR C 223 -32.12 2.19 -8.64
C THR C 223 -31.55 2.25 -7.23
N ASP C 224 -30.24 2.13 -7.05
CA ASP C 224 -29.61 2.08 -5.74
C ASP C 224 -28.28 2.85 -5.74
N PRO C 225 -28.33 4.16 -5.92
CA PRO C 225 -27.16 4.98 -6.20
C PRO C 225 -26.19 5.10 -5.03
N PHE C 226 -26.51 4.56 -3.86
CA PHE C 226 -25.68 4.73 -2.67
C PHE C 226 -25.29 3.43 -1.95
N CYS C 227 -25.74 2.27 -2.41
CA CYS C 227 -25.29 1.02 -1.81
C CYS C 227 -23.77 0.89 -1.99
N PRO C 228 -22.99 0.62 -0.93
CA PRO C 228 -21.54 0.57 -1.00
C PRO C 228 -21.01 -0.74 -1.58
N ILE C 229 -21.88 -1.69 -1.96
CA ILE C 229 -21.46 -3.01 -2.43
C ILE C 229 -21.58 -3.08 -3.95
N PHE C 230 -20.50 -3.45 -4.62
CA PHE C 230 -20.40 -3.61 -6.06
C PHE C 230 -20.17 -5.06 -6.42
N ARG C 231 -20.65 -5.50 -7.57
CA ARG C 231 -20.42 -6.86 -8.07
C ARG C 231 -19.30 -6.83 -9.10
N LEU C 232 -18.23 -7.61 -8.95
CA LEU C 232 -16.99 -7.42 -9.72
C LEU C 232 -17.23 -7.42 -11.24
N GLY C 233 -18.00 -8.37 -11.76
CA GLY C 233 -18.34 -8.38 -13.18
C GLY C 233 -19.03 -7.08 -13.63
N LYS C 234 -19.90 -6.54 -12.79
CA LYS C 234 -20.58 -5.28 -13.06
C LYS C 234 -19.66 -4.08 -12.92
N ILE C 235 -18.60 -4.12 -12.12
CA ILE C 235 -17.62 -3.02 -12.12
C ILE C 235 -17.01 -2.92 -13.51
N VAL C 236 -16.57 -4.04 -14.07
CA VAL C 236 -15.92 -4.11 -15.38
C VAL C 236 -16.90 -3.81 -16.51
N GLU C 237 -18.12 -4.33 -16.46
CA GLU C 237 -19.14 -4.02 -17.48
C GLU C 237 -19.52 -2.54 -17.52
N ASN C 238 -19.58 -1.84 -16.38
CA ASN C 238 -19.83 -0.40 -16.43
C ASN C 238 -18.67 0.41 -17.03
N ALA C 239 -17.45 -0.15 -17.06
CA ALA C 239 -16.32 0.42 -17.79
C ALA C 239 -16.33 0.06 -19.30
N GLY C 240 -17.27 -0.77 -19.77
CA GLY C 240 -17.42 -1.13 -21.18
C GLY C 240 -16.66 -2.39 -21.61
N HIS C 241 -15.91 -3.02 -20.72
CA HIS C 241 -15.19 -4.26 -21.00
C HIS C 241 -15.98 -5.48 -20.54
N SER C 242 -15.62 -6.67 -21.01
CA SER C 242 -16.28 -7.92 -20.58
C SER C 242 -15.36 -8.74 -19.69
N PHE C 243 -15.80 -9.02 -18.48
CA PHE C 243 -15.04 -9.76 -17.47
C PHE C 243 -14.68 -11.17 -17.94
N GLN C 244 -15.52 -11.76 -18.78
CA GLN C 244 -15.27 -13.03 -19.46
C GLN C 244 -13.89 -13.09 -20.13
N ASP C 245 -13.43 -11.99 -20.71
CA ASP C 245 -12.15 -11.90 -21.39
C ASP C 245 -11.07 -11.26 -20.52
N MET C 246 -11.38 -10.17 -19.82
CA MET C 246 -10.38 -9.44 -19.02
C MET C 246 -9.79 -10.30 -17.91
N ALA C 247 -10.53 -11.29 -17.41
CA ALA C 247 -10.04 -12.24 -16.45
C ALA C 247 -8.90 -13.14 -16.97
N VAL C 248 -8.68 -13.25 -18.28
CA VAL C 248 -7.70 -14.19 -18.84
C VAL C 248 -6.27 -13.74 -18.56
N GLU C 249 -5.92 -12.52 -18.97
CA GLU C 249 -4.56 -11.99 -18.91
C GLU C 249 -4.36 -10.92 -17.83
N GLY C 250 -5.39 -10.62 -17.06
CA GLY C 250 -5.34 -9.65 -15.98
C GLY C 250 -5.31 -8.19 -16.45
N GLY C 251 -5.54 -7.27 -15.52
CA GLY C 251 -5.70 -5.83 -15.80
C GLY C 251 -6.02 -5.01 -14.55
N ILE C 252 -6.25 -3.71 -14.71
CA ILE C 252 -6.35 -2.77 -13.60
C ILE C 252 -7.62 -1.96 -13.76
N MET C 253 -8.37 -1.80 -12.68
CA MET C 253 -9.74 -1.33 -12.68
C MET C 253 -9.97 -0.28 -11.61
N GLY C 254 -10.64 0.83 -11.91
CA GLY C 254 -10.74 1.97 -11.03
C GLY C 254 -12.18 2.29 -10.64
N ILE C 255 -12.50 2.23 -9.36
CA ILE C 255 -13.78 2.71 -8.84
C ILE C 255 -13.62 4.17 -8.47
N GLN C 256 -14.00 5.08 -9.36
CA GLN C 256 -13.89 6.51 -9.16
C GLN C 256 -15.04 7.00 -8.27
N VAL C 257 -14.88 6.88 -6.96
CA VAL C 257 -15.81 7.46 -5.98
C VAL C 257 -15.60 8.97 -5.94
N ASN C 258 -16.50 9.73 -6.52
CA ASN C 258 -16.34 11.14 -6.77
C ASN C 258 -17.22 11.96 -5.81
N TRP C 259 -16.61 12.85 -5.05
CA TRP C 259 -17.28 13.74 -4.10
C TRP C 259 -17.23 15.20 -4.57
N ASP C 260 -18.37 15.88 -4.56
CA ASP C 260 -18.54 17.26 -5.00
C ASP C 260 -19.75 17.85 -4.29
N CYS C 261 -19.53 18.78 -3.37
CA CYS C 261 -20.57 19.29 -2.50
C CYS C 261 -20.55 20.81 -2.41
N ASN C 262 -21.75 21.39 -2.45
CA ASN C 262 -21.97 22.79 -2.15
C ASN C 262 -22.49 22.80 -0.72
N LEU C 263 -21.57 22.98 0.21
CA LEU C 263 -21.78 22.63 1.61
C LEU C 263 -22.81 23.56 2.28
N ASP C 264 -23.19 24.62 1.59
CA ASP C 264 -24.23 25.55 1.97
C ASP C 264 -25.58 24.88 2.21
N ARG C 265 -25.87 23.81 1.48
CA ARG C 265 -27.23 23.27 1.42
C ARG C 265 -27.59 22.49 2.69
N ALA C 266 -27.08 21.27 2.83
CA ALA C 266 -27.23 20.45 4.03
C ALA C 266 -26.17 19.36 4.08
N ALA C 267 -25.72 18.98 5.27
CA ALA C 267 -24.92 17.75 5.45
C ALA C 267 -25.72 16.54 4.95
N SER C 268 -27.04 16.54 5.11
CA SER C 268 -27.95 15.55 4.55
C SER C 268 -27.97 15.52 3.02
N LEU C 269 -27.40 16.50 2.35
CA LEU C 269 -27.48 16.67 0.90
C LEU C 269 -26.11 16.69 0.20
N CYS C 270 -25.00 16.64 0.94
CA CYS C 270 -23.71 16.24 0.38
C CYS C 270 -23.65 14.72 0.17
N LEU C 271 -23.33 14.25 -1.05
CA LEU C 271 -23.56 12.87 -1.49
C LEU C 271 -22.44 12.38 -2.44
N PRO C 272 -22.09 11.09 -2.45
CA PRO C 272 -21.11 10.53 -3.36
C PRO C 272 -21.75 10.18 -4.70
N ARG C 273 -20.95 10.15 -5.77
CA ARG C 273 -21.34 9.63 -7.10
C ARG C 273 -20.30 8.65 -7.59
N TYR C 274 -20.71 7.61 -8.29
CA TYR C 274 -19.82 6.50 -8.63
C TYR C 274 -19.66 6.37 -10.15
N SER C 275 -18.46 5.98 -10.58
CA SER C 275 -18.10 5.75 -11.97
C SER C 275 -16.96 4.76 -12.06
N PHE C 276 -16.80 4.08 -13.19
CA PHE C 276 -15.87 2.97 -13.33
C PHE C 276 -15.04 3.06 -14.60
N ARG C 277 -13.74 2.82 -14.49
CA ARG C 277 -12.78 3.03 -15.57
C ARG C 277 -11.78 1.89 -15.62
N ARG C 278 -11.48 1.36 -16.81
CA ARG C 278 -10.31 0.51 -17.01
C ARG C 278 -9.05 1.35 -17.05
N LEU C 279 -7.99 0.90 -16.39
CA LEU C 279 -6.75 1.65 -16.21
C LEU C 279 -5.54 1.01 -16.88
N ASP C 280 -5.53 -0.30 -17.15
CA ASP C 280 -4.54 -0.86 -18.09
C ASP C 280 -4.96 -0.55 -19.53
N THR C 281 -4.35 -1.16 -20.53
CA THR C 281 -4.86 -1.08 -21.91
C THR C 281 -4.48 -2.33 -22.69
N ARG C 282 -5.30 -2.73 -23.66
CA ARG C 282 -5.07 -3.93 -24.49
C ARG C 282 -4.40 -3.64 -25.84
N ASP C 283 -3.52 -2.64 -25.90
CA ASP C 283 -2.77 -2.24 -27.11
C ASP C 283 -1.61 -3.20 -27.42
N VAL C 284 -1.86 -4.51 -27.57
CA VAL C 284 -0.81 -5.50 -27.87
C VAL C 284 -0.12 -5.22 -29.22
N GLU C 285 1.14 -5.63 -29.35
CA GLU C 285 2.01 -5.44 -30.53
C GLU C 285 2.45 -3.99 -30.79
N HIS C 286 1.54 -3.04 -30.60
CA HIS C 286 1.79 -1.65 -30.24
C HIS C 286 2.40 -1.54 -28.83
N ASN C 287 2.17 -2.59 -28.04
CA ASN C 287 2.77 -2.99 -26.77
C ASN C 287 2.50 -2.09 -25.54
N VAL C 288 2.65 -2.71 -24.38
CA VAL C 288 2.33 -2.17 -23.06
C VAL C 288 3.08 -2.95 -21.94
N SER C 289 4.08 -3.77 -22.30
CA SER C 289 4.61 -4.86 -21.46
C SER C 289 3.47 -5.84 -21.05
N PRO C 290 3.66 -6.84 -20.18
CA PRO C 290 2.57 -7.76 -19.85
C PRO C 290 1.28 -7.09 -19.35
N GLY C 291 0.11 -7.71 -19.60
CA GLY C 291 -1.13 -7.42 -18.85
C GLY C 291 -0.96 -7.69 -17.35
N TYR C 292 -1.70 -6.99 -16.48
CA TYR C 292 -1.30 -6.93 -15.07
C TYR C 292 -1.36 -8.26 -14.32
N ASN C 293 -0.25 -8.62 -13.68
CA ASN C 293 -0.05 -9.88 -12.96
C ASN C 293 1.08 -9.69 -11.94
N PHE C 294 1.24 -10.62 -11.01
CA PHE C 294 2.45 -10.68 -10.19
C PHE C 294 2.84 -12.11 -9.83
N ARG C 295 4.11 -12.27 -9.49
CA ARG C 295 4.82 -13.53 -9.64
C ARG C 295 5.42 -13.95 -8.31
N PHE C 296 4.58 -14.11 -7.31
CA PHE C 296 5.03 -14.56 -6.00
C PHE C 296 5.40 -16.04 -6.02
N ALA C 297 6.13 -16.49 -5.01
CA ALA C 297 6.53 -17.87 -4.87
C ALA C 297 6.58 -18.29 -3.39
N LYS C 298 6.58 -19.59 -3.15
CA LYS C 298 6.76 -20.18 -1.83
C LYS C 298 7.75 -21.34 -1.92
N TYR C 299 8.37 -21.65 -0.81
CA TYR C 299 9.57 -22.47 -0.79
C TYR C 299 9.66 -23.31 0.49
N TYR C 300 10.28 -24.46 0.36
CA TYR C 300 10.10 -25.60 1.25
C TYR C 300 11.35 -26.49 1.26
N ARG C 301 11.50 -27.32 2.28
CA ARG C 301 12.57 -28.33 2.45
C ARG C 301 12.00 -29.59 3.12
N ASP C 302 12.58 -30.75 2.86
CA ASP C 302 12.44 -31.89 3.78
C ASP C 302 13.29 -31.65 5.05
N LEU C 303 13.19 -32.52 6.06
CA LEU C 303 14.00 -32.43 7.27
C LEU C 303 15.51 -32.45 6.94
N ALA C 304 15.92 -33.22 5.92
CA ALA C 304 17.29 -33.26 5.40
C ALA C 304 17.74 -31.96 4.68
N GLY C 305 16.83 -31.02 4.41
CA GLY C 305 17.15 -29.67 3.94
C GLY C 305 17.15 -29.48 2.41
N ASN C 306 16.67 -30.43 1.62
CA ASN C 306 16.70 -30.38 0.16
C ASN C 306 15.65 -29.39 -0.36
N THR C 307 16.06 -28.18 -0.73
CA THR C 307 15.18 -27.05 -1.04
C THR C 307 14.35 -27.23 -2.31
N GLN C 308 13.16 -26.65 -2.31
CA GLN C 308 12.40 -26.33 -3.52
C GLN C 308 11.73 -24.96 -3.41
N ARG C 309 11.46 -24.35 -4.55
CA ARG C 309 10.44 -23.31 -4.69
C ARG C 309 9.33 -23.84 -5.59
N THR C 310 8.15 -23.29 -5.44
CA THR C 310 7.11 -23.29 -6.47
C THR C 310 6.61 -21.86 -6.61
N LEU C 311 6.31 -21.48 -7.84
CA LEU C 311 6.11 -20.10 -8.25
C LEU C 311 4.78 -19.99 -8.97
N ILE C 312 3.99 -19.00 -8.56
CA ILE C 312 2.68 -18.75 -9.12
C ILE C 312 2.77 -17.49 -9.93
N LYS C 313 2.55 -17.56 -11.24
CA LYS C 313 2.34 -16.34 -12.02
C LYS C 313 0.87 -16.05 -11.96
N ALA C 314 0.47 -15.23 -11.00
CA ALA C 314 -0.93 -14.92 -10.76
C ALA C 314 -1.36 -13.75 -11.64
N TYR C 315 -2.33 -14.02 -12.51
CA TYR C 315 -3.00 -13.03 -13.31
C TYR C 315 -4.30 -12.67 -12.63
N GLY C 316 -4.65 -11.40 -12.61
CA GLY C 316 -5.85 -10.96 -11.92
C GLY C 316 -6.30 -9.57 -12.32
N ILE C 317 -7.40 -9.15 -11.74
CA ILE C 317 -7.87 -7.79 -11.86
C ILE C 317 -7.54 -7.10 -10.54
N ARG C 318 -6.89 -5.95 -10.59
CA ARG C 318 -6.65 -5.11 -9.41
C ARG C 318 -7.65 -3.99 -9.38
N PHE C 319 -8.30 -3.79 -8.24
CA PHE C 319 -9.29 -2.75 -8.05
C PHE C 319 -8.69 -1.64 -7.21
N ASP C 320 -8.60 -0.44 -7.78
CA ASP C 320 -8.12 0.77 -7.11
C ASP C 320 -9.33 1.65 -6.78
N ILE C 321 -9.48 2.03 -5.51
CA ILE C 321 -10.59 2.85 -5.05
C ILE C 321 -10.09 4.29 -5.08
N ILE C 322 -10.14 4.87 -6.27
CA ILE C 322 -9.55 6.16 -6.60
C ILE C 322 -10.50 7.29 -6.18
N VAL C 323 -10.54 7.61 -4.89
CA VAL C 323 -11.34 8.71 -4.35
C VAL C 323 -10.73 10.05 -4.73
N PHE C 324 -11.53 10.98 -5.23
CA PHE C 324 -11.15 12.37 -5.38
C PHE C 324 -12.35 13.26 -5.19
N GLY C 325 -12.13 14.42 -4.61
CA GLY C 325 -13.17 15.42 -4.46
C GLY C 325 -12.63 16.82 -4.25
N LYS C 326 -13.41 17.81 -4.67
CA LYS C 326 -13.31 19.16 -4.13
C LYS C 326 -14.70 19.56 -3.66
N ALA C 327 -14.79 20.39 -2.63
CA ALA C 327 -16.06 20.89 -2.11
C ALA C 327 -15.93 22.35 -1.72
N GLY C 328 -17.03 23.09 -1.80
CA GLY C 328 -17.05 24.52 -1.57
C GLY C 328 -18.14 24.92 -0.58
N LYS C 329 -17.84 25.93 0.24
CA LYS C 329 -18.78 26.52 1.21
C LYS C 329 -18.72 28.04 1.14
N PHE C 330 -19.83 28.75 1.17
CA PHE C 330 -19.98 30.16 0.78
C PHE C 330 -18.89 31.08 1.30
N ASP C 331 -18.75 31.15 2.62
CA ASP C 331 -17.80 31.95 3.41
C ASP C 331 -17.61 33.40 2.94
N ILE C 332 -18.20 34.34 3.68
CA ILE C 332 -18.24 35.76 3.31
C ILE C 332 -16.86 36.45 3.28
N ILE C 333 -15.95 36.19 4.22
CA ILE C 333 -14.63 36.84 4.28
C ILE C 333 -13.83 36.64 2.98
N PRO C 334 -13.58 35.42 2.48
CA PRO C 334 -12.83 35.25 1.25
C PRO C 334 -13.67 35.66 0.04
N THR C 335 -14.99 35.46 0.10
CA THR C 335 -15.90 35.90 -0.96
C THR C 335 -15.76 37.39 -1.22
N MET C 336 -15.69 38.20 -0.17
CA MET C 336 -15.64 39.65 -0.30
C MET C 336 -14.45 40.12 -1.12
N ILE C 337 -13.32 39.40 -1.05
CA ILE C 337 -12.14 39.68 -1.86
C ILE C 337 -12.39 39.29 -3.32
N ASN C 338 -12.89 38.07 -3.53
CA ASN C 338 -13.02 37.49 -4.86
C ASN C 338 -14.08 38.24 -5.67
N ILE C 339 -15.26 38.40 -5.08
CA ILE C 339 -16.33 39.27 -5.57
C ILE C 339 -15.88 40.74 -5.57
N GLY C 340 -15.02 41.18 -4.67
CA GLY C 340 -14.47 42.55 -4.69
C GLY C 340 -13.83 42.92 -6.03
N SER C 341 -13.05 42.01 -6.64
CA SER C 341 -12.52 42.22 -7.99
C SER C 341 -13.66 42.40 -9.01
N GLY C 342 -14.75 41.64 -8.86
CA GLY C 342 -15.96 41.81 -9.67
C GLY C 342 -16.77 43.08 -9.39
N LEU C 343 -16.77 43.58 -8.16
CA LEU C 343 -17.50 44.76 -7.71
C LEU C 343 -16.92 46.06 -8.26
N ALA C 344 -15.61 46.10 -8.51
CA ALA C 344 -14.93 47.24 -9.11
C ALA C 344 -15.57 47.67 -10.45
C1 NAG D . 7.90 9.57 -29.86
C2 NAG D . 9.43 9.37 -29.77
C3 NAG D . 10.03 10.58 -29.05
C4 NAG D . 9.76 11.87 -29.84
C5 NAG D . 8.26 12.01 -30.14
C6 NAG D . 7.96 13.14 -31.14
C7 NAG D . 10.87 7.46 -29.33
C8 NAG D . 10.97 6.06 -28.70
N2 NAG D . 9.74 8.12 -29.11
O3 NAG D . 11.45 10.39 -28.88
O4 NAG D . 10.07 13.10 -29.10
O5 NAG D . 7.68 10.75 -30.68
O6 NAG D . 8.17 14.42 -30.52
O7 NAG D . 11.77 7.98 -29.97
H1 NAG D . 7.47 9.71 -28.87
H2 NAG D . 9.83 9.34 -30.78
H3 NAG D . 9.57 10.68 -28.06
H4 NAG D . 10.32 11.83 -30.77
H5 NAG D . 7.73 12.23 -29.21
H61 NAG D . 8.61 13.04 -32.02
H62 NAG D . 6.93 13.07 -31.49
H81 NAG D . 11.89 5.59 -29.00
H82 NAG D . 10.96 6.13 -27.64
H83 NAG D . 10.16 5.45 -29.03
HN2 NAG D . 9.02 7.69 -28.53
HO3 NAG D . 11.68 9.50 -29.15
HO6 NAG D . 8.92 14.34 -29.93
C1 NAG D . 11.34 13.45 -28.41
C2 NAG D . 12.56 13.70 -29.34
C3 NAG D . 13.71 14.31 -28.53
C4 NAG D . 13.26 15.59 -27.83
C5 NAG D . 12.08 15.30 -26.90
C6 NAG D . 11.53 16.59 -26.27
C7 NAG D . 13.69 12.35 -31.07
C8 NAG D . 13.98 10.93 -31.57
N2 NAG D . 13.00 12.45 -29.95
O3 NAG D . 14.84 14.66 -29.37
O4 NAG D . 14.39 16.06 -27.06
O5 NAG D . 11.02 14.70 -27.71
O6 NAG D . 10.42 16.26 -25.43
O7 NAG D . 14.08 13.35 -31.66
H1 NAG D . 11.57 12.68 -27.68
H2 NAG D . 12.26 14.39 -30.13
H3 NAG D . 14.04 13.59 -27.78
H4 NAG D . 12.98 16.34 -28.56
H5 NAG D . 12.39 14.60 -26.12
H61 NAG D . 12.30 17.06 -25.66
H62 NAG D . 11.22 17.28 -27.04
H81 NAG D . 14.65 10.96 -32.43
H82 NAG D . 14.43 10.34 -30.79
H83 NAG D . 13.05 10.45 -31.88
HN2 NAG D . 12.73 11.61 -29.47
HO3 NAG D . 14.77 14.20 -30.20
HO4 NAG D . 15.15 15.99 -27.63
HO6 NAG D . 10.03 17.07 -25.12
C1 NAG E . 13.75 22.84 18.31
C2 NAG E . 13.14 22.46 19.66
C3 NAG E . 11.71 23.02 19.73
C4 NAG E . 11.75 24.55 19.65
C5 NAG E . 12.54 25.00 18.41
C6 NAG E . 12.81 26.51 18.41
C7 NAG E . 13.19 20.44 21.04
C8 NAG E . 13.41 18.92 21.06
N2 NAG E . 13.16 21.01 19.84
O3 NAG E . 11.09 22.60 20.97
O4 NAG E . 10.41 25.16 19.46
O5 NAG E . 13.83 24.29 18.29
O6 NAG E . 11.59 27.24 18.16
O7 NAG E . 13.02 21.11 22.04
H1 NAG E . 13.14 22.49 17.48
H2 NAG E . 13.73 22.90 20.46
H3 NAG E . 11.13 22.63 18.89
H4 NAG E . 12.21 24.95 20.55
H5 NAG E . 11.95 24.76 17.52
H61 NAG E . 13.22 26.82 19.38
H62 NAG E . 13.53 26.77 17.63
H81 NAG E . 13.48 18.57 22.07
H82 NAG E . 12.60 18.42 20.59
H83 NAG E . 14.32 18.67 20.55
HN2 NAG E . 13.27 20.44 19.02
HO3 NAG E . 11.65 21.97 21.41
HO6 NAG E . 10.88 26.78 18.59
C1 NAG E . 9.19 24.95 20.25
C2 NAG E . 9.23 25.50 21.69
C3 NAG E . 7.82 25.46 22.31
C4 NAG E . 6.83 26.21 21.44
C5 NAG E . 6.79 25.62 20.04
C6 NAG E . 5.89 26.43 19.10
C7 NAG E . 10.73 25.15 23.63
C8 NAG E . 11.72 24.18 24.29
N2 NAG E . 10.14 24.72 22.52
O3 NAG E . 7.78 26.06 23.63
O4 NAG E . 5.53 26.08 22.06
O5 NAG E . 8.16 25.67 19.50
O6 NAG E . 5.91 25.84 17.79
O7 NAG E . 10.48 26.25 24.09
H1 NAG E . 8.94 23.89 20.26
H2 NAG E . 9.57 26.53 21.67
H3 NAG E . 7.50 24.42 22.40
H4 NAG E . 7.10 27.27 21.39
H5 NAG E . 6.46 24.59 20.08
H61 NAG E . 4.86 26.43 19.47
H62 NAG E . 6.23 27.46 19.04
H81 NAG E . 12.05 24.58 25.25
H82 NAG E . 11.26 23.22 24.46
H83 NAG E . 12.60 24.05 23.65
HN2 NAG E . 10.33 23.78 22.20
HO3 NAG E . 8.66 26.12 23.98
HO4 NAG E . 5.67 26.23 23.00
HO6 NAG E . 5.42 26.42 17.20
C1 NAG F . -31.28 8.09 1.56
C2 NAG F . -31.83 7.12 0.50
C3 NAG F . -31.57 7.71 -0.89
C4 NAG F . -32.32 9.05 -1.02
C5 NAG F . -31.97 10.00 0.13
C6 NAG F . -32.87 11.23 0.18
C7 NAG F . -31.82 4.69 0.26
C8 NAG F . -31.15 3.37 0.64
N2 NAG F . -31.23 5.81 0.65
O3 NAG F . -32.00 6.80 -1.91
O4 NAG F . -31.93 9.81 -2.23
O5 NAG F . -32.06 9.32 1.44
O6 NAG F . -32.55 12.13 -0.91
O7 NAG F . -32.84 4.75 -0.43
H1 NAG F . -30.23 8.30 1.40
H2 NAG F . -32.90 7.01 0.64
H3 NAG F . -30.50 7.91 -1.00
H4 NAG F . -33.39 8.86 -1.05
H5 NAG F . -30.93 10.32 0.01
H61 NAG F . -33.93 10.94 0.10
H62 NAG F . -32.74 11.77 1.12
H81 NAG F . -31.75 2.54 0.34
H82 NAG F . -30.19 3.30 0.18
H83 NAG F . -31.02 3.32 1.70
HN2 NAG F . -30.36 5.74 1.16
HO3 NAG F . -32.24 5.97 -1.50
HO6 NAG F . -32.32 11.59 -1.68
C1 NAG F . -31.88 9.37 -3.64
C2 NAG F . -33.27 9.07 -4.28
C3 NAG F . -33.10 8.88 -5.79
C4 NAG F . -32.42 10.09 -6.43
C5 NAG F . -31.06 10.33 -5.79
C6 NAG F . -30.41 11.60 -6.33
C7 NAG F . -35.15 7.58 -3.68
C8 NAG F . -35.56 6.30 -2.93
N2 NAG F . -33.86 7.87 -3.69
O3 NAG F . -34.38 8.69 -6.47
O4 NAG F . -32.26 9.80 -7.83
O5 NAG F . -31.26 10.48 -4.35
O6 NAG F . -29.14 11.80 -5.67
O7 NAG F . -35.96 8.30 -4.25
H1 NAG F . -31.24 8.50 -3.72
H2 NAG F . -33.93 9.91 -4.09
H3 NAG F . -32.48 7.99 -5.97
H4 NAG F . -33.05 10.97 -6.31
H5 NAG F . -30.41 9.47 -5.97
H61 NAG F . -30.24 11.53 -7.40
H62 NAG F . -31.04 12.46 -6.14
H81 NAG F . -36.61 6.10 -3.10
H82 NAG F . -34.99 5.46 -3.30
H83 NAG F . -35.39 6.43 -1.88
HN2 NAG F . -33.21 7.23 -3.25
HO3 NAG F . -35.04 8.46 -5.82
HO4 NAG F . -33.10 9.41 -8.12
HO6 NAG F . -28.79 12.64 -5.95
C10 A1INJ G . 21.34 -20.83 1.61
C13 A1INJ G . 22.66 -18.69 2.14
C15 A1INJ G . 25.17 -18.86 1.61
C17 A1INJ G . 27.56 -19.36 1.72
C20 A1INJ G . 25.47 -17.58 1.11
C21 A1INJ G . 22.65 -17.37 2.61
C22 A1INJ G . 21.44 -16.74 3.00
C24 A1INJ G . 16.85 -19.28 5.12
C28 A1INJ G . 15.58 -18.71 4.88
C02 A1INJ G . 14.10 -16.84 3.97
C03 A1INJ G . 15.46 -17.48 4.19
C04 A1INJ G . 16.62 -16.83 3.69
C05 A1INJ G . 17.88 -17.44 3.87
C07 A1INJ G . 20.25 -17.46 2.98
C08 A1INJ G . 20.26 -18.79 2.55
C09 A1INJ G . 21.44 -19.41 2.11
C16 A1INJ G . 26.22 -19.75 1.91
C18 A1INJ G . 27.85 -18.07 1.23
C19 A1INJ G . 26.80 -17.18 0.95
C23 A1INJ G . 17.98 -18.62 4.62
C25 A1INJ G . 17.04 -20.57 5.85
C30 A1INJ G . 16.52 -15.48 2.99
C31 A1INJ G . 15.16 -14.92 2.71
C32 A1INJ G . 15.03 -13.73 1.95
C33 A1INJ G . 13.76 -13.21 1.66
C34 A1INJ G . 12.63 -13.83 2.17
C35 A1INJ G . 12.75 -14.98 2.95
C36 A1INJ G . 14.01 -15.55 3.20
N06 A1INJ G . 19.05 -16.87 3.36
N14 A1INJ G . 23.86 -19.31 1.78
N29 A1INJ G . 14.47 -19.38 5.33
O01 A1INJ G . 13.07 -17.35 4.39
O11 A1INJ G . 20.24 -21.21 1.23
O12 A1INJ G . 22.37 -21.49 1.53
O26 A1INJ G . 18.01 -21.24 5.55
O27 A1INJ G . 16.19 -20.96 6.62
O37 A1INJ G . 17.51 -14.85 2.66
H17 A1INJ G . 28.36 -20.04 1.94
H20 A1INJ G . 24.67 -16.91 0.84
H21 A1INJ G . 23.57 -16.81 2.68
H22 A1INJ G . 21.44 -15.71 3.29
H08 A1INJ G . 19.34 -19.36 2.58
H16 A1INJ G . 26.00 -20.73 2.27
H18 A1INJ G . 28.87 -17.76 1.10
H19 A1INJ G . 27.03 -16.19 0.58
H23 A1INJ G . 18.96 -19.05 4.82
H32 A1INJ G . 15.92 -13.23 1.59
H33 A1INJ G . 13.68 -12.33 1.04
H34 A1INJ G . 11.65 -13.41 1.96
H35 A1INJ G . 11.86 -15.44 3.37
H06 A1INJ G . 19.02 -15.87 3.25
H14 A1INJ G . 23.75 -20.30 1.61
H291 A1INJ G . 14.78 -19.81 6.19
H292 A1INJ G . 13.55 -19.41 4.92
C1 NAG H . 19.00 -25.47 15.59
C2 NAG H . 18.81 -26.55 14.50
C3 NAG H . 19.17 -27.94 15.10
C4 NAG H . 20.60 -27.92 15.67
C5 NAG H . 20.75 -26.81 16.73
C6 NAG H . 22.16 -26.67 17.28
C7 NAG H . 17.10 -26.74 12.75
C8 NAG H . 15.61 -26.94 12.44
N2 NAG H . 17.42 -26.59 14.02
O3 NAG H . 19.06 -29.00 14.13
O4 NAG H . 20.83 -29.22 16.28
O5 NAG H . 20.37 -25.52 16.12
O6 NAG H . 22.21 -25.47 18.08
O7 NAG H . 17.95 -26.72 11.85
H1 NAG H . 18.30 -25.65 16.41
H2 NAG H . 19.47 -26.35 13.66
H3 NAG H . 18.48 -28.15 15.92
H4 NAG H . 21.31 -27.76 14.87
H5 NAG H . 20.07 -27.02 17.56
H61 NAG H . 22.88 -26.59 16.45
H62 NAG H . 22.41 -27.54 17.89
H81 NAG H . 15.48 -27.04 11.36
H82 NAG H . 15.26 -27.85 12.94
H83 NAG H . 15.05 -26.08 12.80
HN2 NAG H . 16.69 -26.50 14.65
HO3 NAG H . 18.17 -29.01 13.76
HO4 NAG H . 21.72 -29.25 16.65
HO6 NAG H . 23.09 -25.36 18.43
C10 A1INJ I . 0.63 -20.90 21.35
C13 A1INJ I . -1.44 -19.54 22.02
C15 A1INJ I . -2.02 -19.69 24.52
C17 A1INJ I . -2.86 -20.45 26.69
C20 A1INJ I . -2.44 -18.39 24.82
C21 A1INJ I . -2.48 -18.66 21.63
C22 A1INJ I . -2.57 -18.20 20.31
C24 A1INJ I . -0.86 -20.91 15.64
C28 A1INJ I . -0.44 -20.17 14.52
C02 A1INJ I . -0.12 -17.94 13.31
C03 A1INJ I . -0.52 -18.75 14.53
C04 A1INJ I . -0.99 -18.08 15.69
C05 A1INJ I . -1.34 -18.84 16.84
C07 A1INJ I . -1.67 -18.66 19.34
C08 A1INJ I . -0.68 -19.56 19.71
C09 A1INJ I . -0.53 -19.99 21.04
C16 A1INJ I . -2.22 -20.71 25.46
C18 A1INJ I . -3.30 -19.15 26.97
C19 A1INJ I . -3.10 -18.13 26.04
C23 A1INJ I . -1.31 -20.24 16.78
C25 A1INJ I . -0.81 -22.41 15.68
C30 A1INJ I . -1.13 -16.56 15.71
C31 A1INJ I . -0.64 -15.79 14.53
C32 A1INJ I . -0.64 -14.37 14.57
C33 A1INJ I . -0.17 -13.63 13.49
C34 A1INJ I . 0.27 -14.28 12.33
C35 A1INJ I . 0.24 -15.68 12.27
C36 A1INJ I . -0.19 -16.44 13.38
N06 A1INJ I . -1.75 -18.23 18.02
N14 A1INJ I . -1.36 -20.01 23.33
N29 A1INJ I . 0.04 -20.83 13.42
O01 A1INJ I . 0.28 -18.47 12.29
O11 A1INJ I . 1.58 -20.89 20.58
O12 A1INJ I . 0.61 -21.54 22.40
O26 A1INJ I . -0.65 -22.94 16.78
O27 A1INJ I . -0.81 -23.05 14.64
O37 A1INJ I . -1.64 -15.98 16.65
H17 A1INJ I . -3.01 -21.24 27.40
H20 A1INJ I . -2.26 -17.59 24.12
H21 A1INJ I . -3.21 -18.34 22.35
H22 A1INJ I . -3.33 -17.49 20.03
H08 A1INJ I . 0.00 -19.94 18.95
H16 A1INJ I . -1.88 -21.72 25.25
H18 A1INJ I . -3.79 -18.94 27.91
H19 A1INJ I . -3.45 -17.12 26.26
H23 A1INJ I . -1.66 -20.81 17.63
H32 A1INJ I . -1.02 -13.86 15.45
H33 A1INJ I . -0.13 -12.55 13.55
H34 A1INJ I . 0.62 -13.70 11.49
H35 A1INJ I . 0.55 -16.18 11.37
H06 A1INJ I . -2.19 -17.32 17.90
H14 A1INJ I . -0.67 -20.74 23.45
H291 A1INJ I . -0.50 -21.68 13.41
H292 A1INJ I . 0.76 -20.54 12.78
C1 NAG J . -6.30 -31.90 14.04
C2 NAG J . -4.84 -32.22 14.47
C3 NAG J . -4.72 -33.73 14.73
C4 NAG J . -5.75 -34.20 15.77
C5 NAG J . -7.17 -33.84 15.30
C6 NAG J . -8.25 -34.17 16.33
C7 NAG J . -2.71 -31.24 13.69
C8 NAG J . -1.75 -31.08 12.52
N2 NAG J . -3.87 -31.83 13.43
O3 NAG J . -3.38 -34.11 15.18
O4 NAG J . -5.63 -35.64 15.90
O5 NAG J . -7.23 -32.38 15.04
O6 NAG J . -9.49 -33.59 15.87
O7 NAG J . -2.43 -30.86 14.82
H1 NAG J . -6.50 -32.40 13.09
H2 NAG J . -4.61 -31.68 15.39
H3 NAG J . -4.91 -34.27 13.79
H4 NAG J . -5.54 -33.72 16.73
H5 NAG J . -7.39 -34.37 14.38
H61 NAG J . -7.98 -33.75 17.30
H62 NAG J . -8.36 -35.25 16.42
H81 NAG J . -0.83 -30.59 12.85
H82 NAG J . -1.50 -32.06 12.11
H83 NAG J . -2.21 -30.47 11.74
HN2 NAG J . -4.08 -32.01 12.50
HO3 NAG J . -2.73 -33.83 14.54
HO4 NAG J . -6.26 -35.95 16.55
HO6 NAG J . -10.19 -33.78 16.50
C10 A1INJ K . -5.23 -28.88 -5.51
C13 A1INJ K . -5.55 -27.84 -7.84
C15 A1INJ K . -7.08 -29.21 -9.37
C17 A1INJ K . -7.94 -30.89 -10.93
C20 A1INJ K . -7.80 -28.22 -10.07
C21 A1INJ K . -5.28 -26.77 -8.71
C22 A1INJ K . -4.50 -25.67 -8.31
C24 A1INJ K . -0.35 -25.70 -4.46
C28 A1INJ K . -0.09 -24.54 -3.72
C02 A1INJ K . -0.49 -22.06 -3.24
C03 A1INJ K . -0.80 -23.34 -3.99
C04 A1INJ K . -1.81 -23.33 -4.99
C05 A1INJ K . -2.11 -24.53 -5.68
C07 A1INJ K . -3.92 -25.65 -7.04
C08 A1INJ K . -4.15 -26.72 -6.18
C09 A1INJ K . -4.98 -27.80 -6.55
C16 A1INJ K . -7.16 -30.54 -9.81
C18 A1INJ K . -8.63 -29.88 -11.63
C19 A1INJ K . -8.57 -28.56 -11.20
C23 A1INJ K . -1.35 -25.68 -5.44
C25 A1INJ K . 0.38 -27.00 -4.23
C30 A1INJ K . -2.55 -22.04 -5.33
C31 A1INJ K . -2.29 -20.83 -4.51
C32 A1INJ K . -3.05 -19.66 -4.72
C33 A1INJ K . -2.85 -18.51 -3.93
C34 A1INJ K . -1.83 -18.51 -2.98
C35 A1INJ K . -1.04 -19.65 -2.79
C36 A1INJ K . -1.29 -20.83 -3.52
N06 A1INJ K . -3.14 -24.59 -6.63
N14 A1INJ K . -6.31 -28.92 -8.25
N29 A1INJ K . 0.86 -24.58 -2.74
O01 A1INJ K . 0.38 -22.01 -2.38
O11 A1INJ K . -5.06 -28.57 -4.34
O12 A1INJ K . -5.65 -29.95 -5.89
O26 A1INJ K . -0.23 -28.03 -4.46
O27 A1INJ K . 1.48 -27.00 -3.71
O37 A1INJ K . -3.34 -21.98 -6.26
H17 A1INJ K . -8.00 -31.91 -11.26
H20 A1INJ K . -7.78 -27.20 -9.72
H21 A1INJ K . -5.68 -26.80 -9.72
H22 A1INJ K . -4.35 -24.84 -8.99
H08 A1INJ K . -3.68 -26.73 -5.20
H16 A1INJ K . -6.62 -31.31 -9.29
H18 A1INJ K . -9.23 -30.14 -12.50
H19 A1INJ K . -9.09 -27.79 -11.74
H23 A1INJ K . -1.54 -26.57 -6.03
H32 A1INJ K . -3.81 -19.65 -5.48
H33 A1INJ K . -3.46 -17.65 -4.08
H34 A1INJ K . -1.65 -17.62 -2.38
H35 A1INJ K . -0.24 -19.63 -2.06
H06 A1INJ K . -3.34 -23.71 -7.09
H14 A1INJ K . -6.32 -29.68 -7.58
H291 A1INJ K . 1.55 -25.23 -3.11
H292 A1INJ K . 0.89 -24.07 -1.87
C1 NAG L . 8.86 -33.50 -7.17
C2 NAG L . 8.08 -34.16 -6.00
C3 NAG L . 8.63 -35.59 -5.79
C4 NAG L . 8.53 -36.41 -7.09
C5 NAG L . 9.29 -35.69 -8.23
C6 NAG L . 9.17 -36.39 -9.58
C7 NAG L . 7.25 -33.18 -3.90
C8 NAG L . 7.63 -32.54 -2.56
N2 NAG L . 8.24 -33.41 -4.75
O3 NAG L . 7.92 -36.30 -4.73
O4 NAG L . 9.13 -37.71 -6.84
O5 NAG L . 8.76 -34.33 -8.37
O6 NAG L . 9.73 -35.52 -10.58
O7 NAG L . 6.09 -33.49 -4.16
H1 NAG L . 9.90 -33.39 -6.89
H2 NAG L . 7.02 -34.21 -6.25
H3 NAG L . 9.68 -35.52 -5.51
H4 NAG L . 7.49 -36.53 -7.37
H5 NAG L . 10.35 -35.63 -7.96
H61 NAG L . 8.12 -36.58 -9.80
H62 NAG L . 9.71 -37.33 -9.57
H81 NAG L . 6.74 -32.40 -1.96
H82 NAG L . 8.33 -33.18 -2.04
H83 NAG L . 8.09 -31.56 -2.75
HN2 NAG L . 9.12 -33.03 -4.52
HO3 NAG L . 7.98 -35.80 -3.92
HO4 NAG L . 9.09 -38.24 -7.63
HO6 NAG L . 9.66 -35.93 -11.44
#